data_3OL2
#
_entry.id   3OL2
#
_cell.length_a   83.055
_cell.length_b   173.436
_cell.length_c   482.119
_cell.angle_alpha   90.00
_cell.angle_beta   90.00
_cell.angle_gamma   90.00
#
_symmetry.space_group_name_H-M   'F 2 2 2'
#
loop_
_entity.id
_entity.type
_entity.pdbx_description
1 polymer Semaphorin-4D
2 polymer Plexin-B1
3 branched beta-D-mannopyranose-(1-4)-2-acetamido-2-deoxy-beta-D-glucopyranose-(1-4)-2-acetamido-2-deoxy-beta-D-glucopyranose
4 branched 2-acetamido-2-deoxy-beta-D-glucopyranose-(1-4)-2-acetamido-2-deoxy-beta-D-glucopyranose
5 non-polymer 2-acetamido-2-deoxy-beta-D-glucopyranose
#
loop_
_entity_poly.entity_id
_entity_poly.type
_entity_poly.pdbx_seq_one_letter_code
_entity_poly.pdbx_strand_id
1 'polypeptide(L)'
;MAFAPIPRITWEHREVHLVQFHEPDIYNYSALLLSEDKDTLYIGAREAVFAVNALNISEKQHEVYWKVSEDKKAKCAEKG
KSKQTECLNYIRVLQPLSATSLYVCGTNAFQPACDHLNLTSFKFLGKNEDGKGRCPFDPAHSYTSVMVDGELYSGTSYNF
LGSEPIISRNSSHSPLRTEYAIPWLNEPSFVFADVIRKSPDSPDGEDDRVYFFFTEVSVEYEFVFRVLIPRIARVCKGDQ
GGLRTLQKKWTSFLKARLICSRPDSGLVFNVLRDVFVLRSPGLKVPVFYALFTPQLNNVGLSAVCAYNLSTAEEVFSHGK
YMQSTTVEQSHTKWVRYNGPVPKPRPGACIDSEARAANYTSSLNLPDKTLQFVKDHPLMDDSVTPIDNRPRLIKKDVNYT
QIVVDRTQALDGTVYDVMFVSTDRGALHKAISLEHAVHIIEETQLFQDFEPVQTLLLSSKKGNRFVYAGSNSGVVQAPLA
FCGKHGTCEDCVLARDPYCAWSPPTATCVALHQTESPSRGLIQEMSGDASVCPDKSKGSYRQHFFKHGGTAELKCSQKSN
LARVFWKFQNGVLKAESPKYGLMGRKNLLIFNLSEGDSGVYQCLSEERVKNKTVFQVVAKHVLEVKVVPKPVVAPTLSVV
QTEGSRIATKVLVASTKHHHHHH
;
A
2 'polypeptide(L)'
;ETGLQPLPPTAFTPNGTYLQHLARDPTSGTLYLGATNFLFQLSPGLQLEATVSTGPVLDSRDCLPPVMPDECPQAQPTNN
PNQLLLVSPGALVVCGSVHQGVCEQRRLGQLEQLLLRPERPGDTQYVAANDPAVSTVGLVAQGLAGEPLLFVGRGYTSRG
VGGGIPPITTRALWPPDPQAAFSYEETAKLAVGRLSEYSHHFVSAFARGASAYFLFLRRDLQAQSRAFRAYVSRVCLRDQ
HYYSYVELPLACEGGRYGLIQAAAVATSREVAHGEVLFAAFSSAAPPTVGRPPSAAAGASGASALCAFPLDEVDRLANRT
RDACYTREGRAEDGTEVAYIEYDVNSDCAQLPVDTLDAYPCGSDHTPSPMASRVPLEATPILEWPGIQLTAVAVTMEDGH
TIAFLGDSQGQLHRVYLGPGSDGHPYSTQSIQQGSAVSRDLTFDGTFEHLYVMTQSTLLKVPVASCAQHLDCASCLAHRD
PYCGWCVLLGRCSRRSECSRGQGPEQWLWSFQPELGCLQGTKHHHHHH
;
B
#
# COMPACT_ATOMS: atom_id res chain seq x y z
N PHE A 3 -14.77 -33.31 1.75
CA PHE A 3 -14.57 -32.58 3.01
C PHE A 3 -14.12 -33.50 4.10
N ALA A 4 -13.27 -32.99 5.01
CA ALA A 4 -12.73 -33.73 6.16
C ALA A 4 -13.85 -34.09 7.16
N PRO A 5 -13.81 -35.30 7.78
CA PRO A 5 -14.88 -35.67 8.73
C PRO A 5 -14.88 -34.82 9.98
N ILE A 6 -15.66 -35.24 10.98
CA ILE A 6 -15.70 -34.51 12.25
C ILE A 6 -14.57 -35.05 13.15
N PRO A 7 -14.00 -34.22 14.06
CA PRO A 7 -12.95 -34.74 14.95
C PRO A 7 -13.41 -35.99 15.73
N ARG A 8 -12.73 -37.13 15.48
CA ARG A 8 -13.02 -38.44 16.08
C ARG A 8 -13.38 -38.39 17.59
N ILE A 9 -12.57 -37.68 18.41
CA ILE A 9 -12.78 -37.55 19.85
C ILE A 9 -12.70 -36.10 20.27
N THR A 10 -13.58 -35.65 21.17
CA THR A 10 -13.57 -34.28 21.67
C THR A 10 -13.14 -34.28 23.14
N TRP A 11 -12.01 -33.62 23.45
CA TRP A 11 -11.53 -33.49 24.82
C TRP A 11 -11.95 -32.15 25.36
N GLU A 12 -12.73 -32.17 26.46
CA GLU A 12 -13.16 -30.97 27.16
C GLU A 12 -11.91 -30.43 27.86
N HIS A 13 -11.82 -29.10 28.09
CA HIS A 13 -10.70 -28.51 28.83
C HIS A 13 -10.53 -29.24 30.19
N ARG A 14 -11.65 -29.71 30.77
CA ARG A 14 -11.75 -30.44 32.02
C ARG A 14 -11.04 -31.82 32.01
N GLU A 15 -11.17 -32.58 30.91
CA GLU A 15 -10.66 -33.95 30.86
C GLU A 15 -9.25 -34.21 30.39
N VAL A 16 -8.45 -33.18 30.22
CA VAL A 16 -7.07 -33.35 29.77
C VAL A 16 -6.12 -32.45 30.57
N HIS A 17 -4.83 -32.80 30.61
CA HIS A 17 -3.87 -31.96 31.33
C HIS A 17 -3.30 -30.87 30.45
N LEU A 18 -3.84 -29.67 30.64
CA LEU A 18 -3.44 -28.48 29.91
C LEU A 18 -2.99 -27.46 30.91
N VAL A 19 -1.77 -26.96 30.73
CA VAL A 19 -1.19 -25.95 31.58
C VAL A 19 -1.54 -24.59 30.98
N GLN A 20 -1.99 -23.65 31.81
CA GLN A 20 -2.41 -22.32 31.39
C GLN A 20 -1.56 -21.20 32.01
N PHE A 21 -1.46 -20.07 31.30
CA PHE A 21 -0.76 -18.88 31.77
C PHE A 21 -1.46 -17.60 31.31
N HIS A 22 -1.58 -16.63 32.23
CA HIS A 22 -2.09 -15.28 32.00
C HIS A 22 -1.70 -14.41 33.21
N GLU A 23 -1.54 -13.09 32.99
CA GLU A 23 -1.24 -12.16 34.06
C GLU A 23 -2.48 -11.31 34.29
N PRO A 24 -2.95 -11.18 35.55
CA PRO A 24 -4.17 -10.39 35.81
C PRO A 24 -4.05 -8.95 35.35
N ASP A 25 -5.05 -8.54 34.53
CA ASP A 25 -5.23 -7.23 33.86
C ASP A 25 -4.35 -7.03 32.62
N ILE A 26 -3.62 -8.09 32.21
CA ILE A 26 -2.80 -8.13 30.99
C ILE A 26 -3.49 -9.03 29.96
N TYR A 27 -3.67 -8.52 28.72
CA TYR A 27 -4.41 -9.20 27.63
C TYR A 27 -3.62 -9.22 26.31
N ASN A 28 -4.20 -9.82 25.25
CA ASN A 28 -3.61 -9.91 23.90
C ASN A 28 -2.23 -10.57 23.87
N TYR A 29 -2.17 -11.87 24.21
CA TYR A 29 -0.96 -12.71 24.27
C TYR A 29 -0.64 -13.23 22.86
N SER A 30 -0.46 -12.30 21.90
CA SER A 30 -0.24 -12.52 20.47
C SER A 30 1.17 -12.90 19.99
N ALA A 31 2.24 -12.64 20.77
CA ALA A 31 3.62 -12.97 20.36
C ALA A 31 4.21 -14.08 21.22
N LEU A 32 4.73 -15.13 20.57
CA LEU A 32 5.32 -16.28 21.28
C LEU A 32 6.68 -16.59 20.72
N LEU A 33 7.67 -16.76 21.59
CA LEU A 33 9.02 -17.06 21.15
C LEU A 33 9.70 -17.97 22.16
N LEU A 34 10.18 -19.14 21.73
CA LEU A 34 10.91 -19.94 22.70
C LEU A 34 12.42 -19.81 22.58
N SER A 35 13.16 -20.04 23.68
CA SER A 35 14.61 -19.91 23.71
C SER A 35 15.36 -20.94 22.85
N GLU A 36 16.71 -20.86 22.84
CA GLU A 36 17.58 -21.80 22.12
C GLU A 36 17.41 -23.15 22.79
N ASP A 37 17.61 -23.18 24.13
CA ASP A 37 17.48 -24.37 24.98
C ASP A 37 16.08 -25.01 24.98
N LYS A 38 15.08 -24.29 24.42
CA LYS A 38 13.66 -24.69 24.30
C LYS A 38 12.91 -24.78 25.66
N ASP A 39 13.61 -24.53 26.81
CA ASP A 39 13.06 -24.62 28.19
C ASP A 39 12.42 -23.32 28.69
N THR A 40 12.60 -22.21 27.97
CA THR A 40 12.04 -20.93 28.34
C THR A 40 11.25 -20.31 27.18
N LEU A 41 9.92 -20.21 27.35
CA LEU A 41 9.05 -19.60 26.35
C LEU A 41 8.80 -18.14 26.76
N TYR A 42 9.05 -17.19 25.83
CA TYR A 42 8.82 -15.76 26.09
C TYR A 42 7.49 -15.35 25.49
N ILE A 43 6.67 -14.65 26.28
CA ILE A 43 5.35 -14.20 25.84
C ILE A 43 5.33 -12.67 25.67
N GLY A 44 4.90 -12.21 24.50
CA GLY A 44 4.72 -10.81 24.16
C GLY A 44 3.24 -10.47 24.18
N ALA A 45 2.82 -9.69 25.17
CA ALA A 45 1.41 -9.35 25.33
C ALA A 45 1.16 -7.87 25.12
N ARG A 46 -0.02 -7.36 25.54
CA ARG A 46 -0.30 -5.94 25.46
C ARG A 46 0.33 -5.27 26.71
N GLU A 47 1.31 -4.38 26.46
CA GLU A 47 2.08 -3.62 27.45
C GLU A 47 2.97 -4.46 28.37
N ALA A 48 3.29 -5.72 28.00
CA ALA A 48 4.16 -6.59 28.81
C ALA A 48 4.86 -7.70 28.04
N VAL A 49 6.02 -8.14 28.58
CA VAL A 49 6.81 -9.28 28.10
C VAL A 49 7.21 -10.12 29.31
N PHE A 50 6.96 -11.45 29.20
CA PHE A 50 7.22 -12.44 30.26
C PHE A 50 8.15 -13.53 29.77
N ALA A 51 8.76 -14.26 30.71
CA ALA A 51 9.57 -15.44 30.46
C ALA A 51 8.95 -16.50 31.35
N VAL A 52 8.46 -17.57 30.74
CA VAL A 52 7.83 -18.63 31.51
C VAL A 52 8.54 -19.96 31.32
N ASN A 53 8.47 -20.86 32.31
CA ASN A 53 9.07 -22.17 32.13
C ASN A 53 8.26 -22.86 31.05
N ALA A 54 8.88 -23.11 29.87
CA ALA A 54 8.21 -23.76 28.75
C ALA A 54 7.68 -25.18 29.10
N LEU A 55 8.26 -25.82 30.12
CA LEU A 55 7.85 -27.15 30.57
C LEU A 55 6.60 -27.13 31.47
N ASN A 56 6.24 -25.94 32.01
CA ASN A 56 5.10 -25.67 32.90
C ASN A 56 4.84 -24.16 32.80
N ILE A 57 4.22 -23.69 31.68
CA ILE A 57 3.94 -22.26 31.39
C ILE A 57 3.40 -21.43 32.57
N SER A 58 2.74 -22.10 33.55
CA SER A 58 2.19 -21.52 34.77
C SER A 58 3.30 -20.98 35.69
N GLU A 59 4.52 -21.56 35.62
CA GLU A 59 5.68 -21.10 36.37
C GLU A 59 6.15 -19.81 35.70
N LYS A 60 5.84 -18.65 36.30
CA LYS A 60 6.29 -17.36 35.77
C LYS A 60 7.71 -17.18 36.30
N GLN A 61 8.65 -16.91 35.38
CA GLN A 61 10.06 -16.75 35.75
C GLN A 61 10.39 -15.27 35.84
N HIS A 62 10.20 -14.54 34.73
CA HIS A 62 10.50 -13.11 34.65
C HIS A 62 9.34 -12.31 34.07
N GLU A 63 9.29 -11.01 34.41
CA GLU A 63 8.29 -10.09 33.90
C GLU A 63 8.87 -8.70 33.63
N VAL A 64 8.39 -8.05 32.56
CA VAL A 64 8.77 -6.70 32.18
C VAL A 64 7.57 -6.04 31.50
N TYR A 65 7.33 -4.78 31.84
CA TYR A 65 6.22 -4.01 31.33
C TYR A 65 6.74 -2.88 30.47
N TRP A 66 5.88 -2.33 29.60
CA TRP A 66 6.18 -1.23 28.70
C TRP A 66 4.84 -0.53 28.45
N LYS A 67 4.30 0.05 29.53
CA LYS A 67 2.99 0.71 29.58
C LYS A 67 3.00 2.12 29.03
N VAL A 68 1.90 2.58 28.40
CA VAL A 68 1.85 3.94 27.86
C VAL A 68 1.38 5.02 28.84
N SER A 69 2.12 6.14 28.86
CA SER A 69 1.92 7.35 29.65
C SER A 69 0.58 7.99 29.33
N GLU A 70 -0.01 8.71 30.29
CA GLU A 70 -1.29 9.35 30.05
C GLU A 70 -1.24 10.44 29.01
N ASP A 71 -0.13 11.20 28.93
CA ASP A 71 0.02 12.25 27.91
C ASP A 71 0.12 11.64 26.48
N LYS A 72 0.58 10.37 26.38
CA LYS A 72 0.72 9.65 25.12
C LYS A 72 -0.62 8.99 24.70
N LYS A 73 -1.40 8.52 25.70
CA LYS A 73 -2.73 7.94 25.56
C LYS A 73 -3.69 9.06 25.08
N ALA A 74 -3.62 10.25 25.70
CA ALA A 74 -4.47 11.39 25.38
C ALA A 74 -4.13 11.97 24.03
N LYS A 75 -2.84 11.91 23.62
CA LYS A 75 -2.36 12.36 22.32
C LYS A 75 -3.04 11.48 21.26
N CYS A 76 -3.03 10.15 21.47
CA CYS A 76 -3.63 9.11 20.65
C CYS A 76 -5.16 9.24 20.56
N ALA A 77 -5.81 9.50 21.70
CA ALA A 77 -7.25 9.67 21.77
C ALA A 77 -7.70 10.92 21.02
N GLU A 78 -6.90 12.03 21.12
CA GLU A 78 -7.11 13.31 20.43
C GLU A 78 -7.07 13.13 18.91
N LYS A 79 -6.47 12.02 18.46
CA LYS A 79 -6.38 11.62 17.06
C LYS A 79 -7.52 10.61 16.75
N GLY A 80 -8.62 10.75 17.51
CA GLY A 80 -9.85 9.96 17.39
C GLY A 80 -9.74 8.45 17.51
N LYS A 81 -8.75 7.97 18.27
CA LYS A 81 -8.59 6.55 18.50
C LYS A 81 -9.11 6.24 19.89
N SER A 82 -9.32 4.95 20.20
CA SER A 82 -9.84 4.54 21.48
C SER A 82 -8.78 4.49 22.59
N LYS A 83 -8.83 5.50 23.50
CA LYS A 83 -7.95 5.68 24.65
C LYS A 83 -7.73 4.41 25.48
N GLN A 84 -8.75 3.57 25.65
CA GLN A 84 -8.52 2.41 26.49
C GLN A 84 -8.40 1.09 25.71
N THR A 85 -8.50 1.17 24.37
CA THR A 85 -8.37 0.00 23.51
C THR A 85 -7.12 0.11 22.63
N GLU A 86 -7.18 0.89 21.54
CA GLU A 86 -6.09 1.00 20.60
C GLU A 86 -4.90 1.82 21.03
N CYS A 87 -5.08 2.73 22.02
CA CYS A 87 -4.03 3.61 22.50
C CYS A 87 -3.15 2.97 23.58
N LEU A 88 -2.71 1.72 23.35
CA LEU A 88 -1.87 0.97 24.29
C LEU A 88 -0.75 0.26 23.55
N ASN A 89 0.30 -0.16 24.28
CA ASN A 89 1.46 -0.81 23.67
C ASN A 89 1.34 -2.32 23.37
N TYR A 90 0.84 -2.64 22.17
CA TYR A 90 0.70 -4.04 21.75
C TYR A 90 2.04 -4.51 21.20
N ILE A 91 2.68 -5.50 21.86
CA ILE A 91 3.96 -6.08 21.39
C ILE A 91 3.68 -6.80 20.05
N ARG A 92 4.39 -6.36 19.02
CA ARG A 92 4.26 -6.86 17.64
C ARG A 92 5.49 -7.58 17.12
N VAL A 93 6.68 -7.22 17.64
CA VAL A 93 7.97 -7.81 17.29
C VAL A 93 8.64 -8.39 18.56
N LEU A 94 8.79 -9.73 18.62
CA LEU A 94 9.43 -10.47 19.73
C LEU A 94 10.42 -11.50 19.12
N GLN A 95 11.64 -11.03 18.81
CA GLN A 95 12.62 -11.82 18.09
C GLN A 95 13.96 -11.99 18.79
N PRO A 96 14.67 -13.13 18.57
CA PRO A 96 16.00 -13.31 19.16
C PRO A 96 17.03 -12.32 18.61
N LEU A 97 17.82 -11.70 19.49
CA LEU A 97 18.86 -10.77 19.02
C LEU A 97 20.23 -11.38 19.27
N SER A 98 20.42 -11.94 20.48
CA SER A 98 21.64 -12.61 20.92
C SER A 98 21.32 -13.64 22.04
N ALA A 99 22.37 -14.20 22.71
CA ALA A 99 22.25 -15.15 23.81
C ALA A 99 21.72 -14.42 25.05
N THR A 100 22.07 -13.14 25.16
CA THR A 100 21.75 -12.21 26.25
C THR A 100 20.69 -11.11 25.93
N SER A 101 19.96 -11.19 24.78
CA SER A 101 18.96 -10.18 24.42
C SER A 101 17.96 -10.57 23.33
N LEU A 102 16.76 -9.91 23.36
CA LEU A 102 15.67 -10.04 22.38
C LEU A 102 15.37 -8.68 21.75
N TYR A 103 14.86 -8.66 20.51
CA TYR A 103 14.48 -7.42 19.82
C TYR A 103 12.97 -7.24 19.91
N VAL A 104 12.54 -6.22 20.68
CA VAL A 104 11.12 -5.98 20.91
C VAL A 104 10.58 -4.66 20.36
N CYS A 105 9.43 -4.71 19.62
CA CYS A 105 8.68 -3.56 19.10
C CYS A 105 7.20 -3.65 19.46
N GLY A 106 6.61 -2.53 19.84
CA GLY A 106 5.21 -2.39 20.18
C GLY A 106 4.54 -1.25 19.43
N THR A 107 3.19 -1.31 19.28
CA THR A 107 2.41 -0.27 18.57
C THR A 107 2.60 1.09 19.26
N ASN A 108 2.55 1.09 20.62
CA ASN A 108 2.81 2.22 21.50
C ASN A 108 1.94 3.48 21.20
N ALA A 109 0.62 3.38 21.41
CA ALA A 109 -0.37 4.43 21.13
C ALA A 109 -0.09 5.15 19.78
N PHE A 110 0.24 4.34 18.77
CA PHE A 110 0.52 4.75 17.39
C PHE A 110 1.81 5.58 17.20
N GLN A 111 2.85 5.10 17.86
CA GLN A 111 4.21 5.61 17.77
C GLN A 111 5.04 4.32 17.84
N PRO A 112 5.05 3.49 16.75
CA PRO A 112 5.81 2.23 16.80
C PRO A 112 7.21 2.45 17.35
N ALA A 113 7.50 1.78 18.47
CA ALA A 113 8.76 1.91 19.15
C ALA A 113 9.42 0.57 19.34
N CYS A 114 10.73 0.53 19.06
CA CYS A 114 11.55 -0.67 19.23
C CYS A 114 12.53 -0.50 20.38
N ASP A 115 13.02 -1.63 20.95
CA ASP A 115 13.96 -1.65 22.07
C ASP A 115 14.62 -3.04 22.23
N HIS A 116 15.69 -3.13 23.05
CA HIS A 116 16.36 -4.41 23.32
C HIS A 116 16.02 -4.86 24.73
N LEU A 117 15.46 -6.09 24.87
CA LEU A 117 15.18 -6.63 26.18
C LEU A 117 16.42 -7.38 26.68
N ASN A 118 17.05 -6.86 27.76
CA ASN A 118 18.22 -7.47 28.37
C ASN A 118 17.72 -8.71 29.12
N LEU A 119 18.07 -9.91 28.62
CA LEU A 119 17.64 -11.18 29.21
C LEU A 119 18.21 -11.48 30.59
N THR A 120 19.44 -11.04 30.88
CA THR A 120 20.07 -11.25 32.18
C THR A 120 19.39 -10.47 33.31
N SER A 121 18.74 -9.34 32.99
CA SER A 121 18.03 -8.46 33.92
C SER A 121 16.51 -8.48 33.75
N PHE A 122 16.04 -8.74 32.51
CA PHE A 122 14.62 -8.71 32.10
C PHE A 122 14.10 -7.28 32.30
N LYS A 123 14.91 -6.33 31.80
CA LYS A 123 14.74 -4.89 31.85
C LYS A 123 15.04 -4.34 30.48
N PHE A 124 14.27 -3.35 30.05
CA PHE A 124 14.51 -2.76 28.75
C PHE A 124 15.67 -1.77 28.78
N LEU A 125 16.48 -1.75 27.71
CA LEU A 125 17.68 -0.93 27.60
C LEU A 125 17.46 0.54 27.23
N GLY A 126 16.22 0.89 26.90
CA GLY A 126 15.82 2.25 26.56
C GLY A 126 16.39 2.77 25.25
N LYS A 127 16.70 1.86 24.29
CA LYS A 127 17.22 2.16 22.95
C LYS A 127 16.26 3.08 22.22
N ASN A 128 14.97 3.00 22.56
CA ASN A 128 13.86 3.82 22.04
C ASN A 128 14.00 4.18 20.55
N GLU A 129 14.02 3.13 19.72
CA GLU A 129 14.15 3.25 18.27
C GLU A 129 12.79 3.49 17.63
N ASP A 130 12.75 4.26 16.53
CA ASP A 130 11.50 4.51 15.82
C ASP A 130 11.20 3.30 14.95
N GLY A 131 10.22 2.51 15.38
CA GLY A 131 9.79 1.30 14.70
C GLY A 131 8.87 1.51 13.50
N LYS A 132 8.83 2.74 12.93
CA LYS A 132 8.03 3.05 11.74
C LYS A 132 8.59 2.21 10.57
N GLY A 133 7.80 1.27 10.07
CA GLY A 133 8.20 0.38 8.99
C GLY A 133 8.46 -1.05 9.43
N ARG A 134 8.94 -1.19 10.71
CA ARG A 134 9.29 -2.41 11.44
C ARG A 134 8.13 -3.01 12.21
N CYS A 135 7.25 -2.10 12.73
CA CYS A 135 6.10 -2.40 13.59
C CYS A 135 4.86 -1.62 13.13
N PRO A 136 3.65 -2.22 13.16
CA PRO A 136 2.45 -1.45 12.78
C PRO A 136 2.08 -0.40 13.85
N PHE A 137 1.33 0.64 13.46
CA PHE A 137 0.88 1.69 14.37
C PHE A 137 -0.35 1.24 15.13
N ASP A 138 -1.30 0.62 14.38
CA ASP A 138 -2.61 0.08 14.75
C ASP A 138 -2.57 -1.41 15.12
N PRO A 139 -3.18 -1.76 16.30
CA PRO A 139 -3.21 -3.18 16.72
C PRO A 139 -4.06 -4.08 15.81
N ALA A 140 -4.75 -3.44 14.83
CA ALA A 140 -5.65 -4.01 13.86
C ALA A 140 -4.89 -4.40 12.63
N HIS A 141 -3.81 -3.67 12.31
CA HIS A 141 -3.01 -3.89 11.11
C HIS A 141 -2.25 -5.23 11.13
N SER A 142 -2.09 -5.84 9.94
CA SER A 142 -1.34 -7.06 9.65
C SER A 142 0.11 -6.75 9.88
N TYR A 143 0.89 -7.78 10.14
CA TYR A 143 2.31 -7.60 10.44
C TYR A 143 3.02 -8.95 10.39
N THR A 144 4.25 -8.95 9.92
CA THR A 144 5.10 -10.13 9.92
C THR A 144 6.56 -9.71 10.07
N SER A 145 7.36 -10.50 10.81
CA SER A 145 8.79 -10.24 10.93
C SER A 145 9.62 -11.51 11.15
N VAL A 146 10.82 -11.52 10.59
CA VAL A 146 11.81 -12.58 10.71
C VAL A 146 13.19 -11.92 10.89
N MET A 147 13.87 -12.33 11.95
CA MET A 147 15.20 -11.85 12.22
C MET A 147 16.12 -12.82 11.46
N VAL A 148 16.94 -12.27 10.54
CA VAL A 148 17.91 -13.03 9.75
C VAL A 148 19.24 -12.33 9.96
N ASP A 149 20.24 -13.07 10.49
CA ASP A 149 21.59 -12.56 10.72
C ASP A 149 21.59 -11.17 11.41
N GLY A 150 20.81 -11.06 12.46
CA GLY A 150 20.70 -9.85 13.27
C GLY A 150 20.20 -8.63 12.55
N GLU A 151 19.38 -8.84 11.51
CA GLU A 151 18.77 -7.82 10.70
C GLU A 151 17.31 -8.18 10.56
N LEU A 152 16.42 -7.22 10.89
CA LEU A 152 14.98 -7.48 10.85
C LEU A 152 14.35 -7.30 9.49
N TYR A 153 13.75 -8.38 9.01
CA TYR A 153 13.02 -8.39 7.75
C TYR A 153 11.56 -8.34 8.17
N SER A 154 10.89 -7.23 7.83
CA SER A 154 9.51 -6.99 8.23
C SER A 154 8.53 -6.63 7.10
N GLY A 155 7.31 -7.15 7.23
CA GLY A 155 6.20 -6.86 6.34
C GLY A 155 5.04 -6.34 7.17
N THR A 156 4.66 -5.07 6.98
CA THR A 156 3.57 -4.38 7.71
C THR A 156 3.22 -3.07 6.98
N SER A 157 2.53 -2.13 7.67
CA SER A 157 2.21 -0.82 7.11
C SER A 157 3.32 0.17 7.45
N TYR A 158 3.55 1.11 6.54
CA TYR A 158 4.58 2.11 6.76
C TYR A 158 4.02 3.34 7.51
N ASN A 159 2.68 3.38 7.75
CA ASN A 159 2.06 4.54 8.38
C ASN A 159 0.88 4.25 9.28
N PHE A 160 0.37 5.31 9.90
CA PHE A 160 -0.72 5.38 10.85
C PHE A 160 -2.02 4.81 10.29
N LEU A 161 -2.40 5.27 9.09
CA LEU A 161 -3.69 4.88 8.50
C LEU A 161 -3.68 3.50 7.90
N GLY A 162 -2.49 2.99 7.68
CA GLY A 162 -2.29 1.72 7.00
C GLY A 162 -2.57 1.90 5.53
N SER A 163 -2.26 3.08 4.95
CA SER A 163 -2.44 3.30 3.51
C SER A 163 -1.13 2.92 2.77
N GLU A 164 0.02 2.99 3.44
CA GLU A 164 1.28 2.65 2.81
C GLU A 164 1.78 1.28 3.31
N PRO A 165 1.77 0.23 2.45
CA PRO A 165 2.34 -1.04 2.89
C PRO A 165 3.87 -0.99 2.72
N ILE A 166 4.59 -1.99 3.32
CA ILE A 166 6.04 -2.06 3.21
C ILE A 166 6.61 -3.43 3.56
N ILE A 167 7.49 -3.97 2.69
CA ILE A 167 8.31 -5.14 3.01
C ILE A 167 9.68 -4.51 3.02
N SER A 168 10.35 -4.47 4.19
CA SER A 168 11.65 -3.80 4.31
C SER A 168 12.65 -4.50 5.22
N ARG A 169 13.92 -4.09 5.08
CA ARG A 169 15.02 -4.54 5.91
C ARG A 169 15.66 -3.36 6.63
N ASN A 170 15.59 -3.42 7.96
CA ASN A 170 16.18 -2.48 8.90
C ASN A 170 17.59 -3.08 9.04
N SER A 171 18.50 -2.60 8.19
CA SER A 171 19.85 -3.14 8.14
C SER A 171 20.88 -2.29 8.81
N SER A 172 20.81 -0.95 8.64
CA SER A 172 21.79 0.03 9.15
C SER A 172 22.94 0.17 8.14
N HIS A 173 23.46 -0.98 7.63
CA HIS A 173 24.50 -1.02 6.61
C HIS A 173 23.80 -0.75 5.26
N SER A 174 22.86 -1.65 4.87
CA SER A 174 22.14 -1.57 3.61
C SER A 174 20.62 -1.65 3.78
N PRO A 175 19.97 -0.54 4.19
CA PRO A 175 18.51 -0.55 4.35
C PRO A 175 17.83 -0.66 2.98
N LEU A 176 16.82 -1.54 2.89
CA LEU A 176 16.09 -1.74 1.64
C LEU A 176 14.63 -1.87 1.91
N ARG A 177 13.80 -1.32 1.02
CA ARG A 177 12.36 -1.39 1.14
C ARG A 177 11.69 -1.58 -0.23
N THR A 178 10.40 -1.94 -0.25
CA THR A 178 9.64 -2.12 -1.49
C THR A 178 9.25 -0.75 -2.09
N GLU A 179 8.69 -0.76 -3.32
CA GLU A 179 8.19 0.45 -3.92
C GLU A 179 6.75 0.67 -3.43
N TYR A 180 6.35 1.96 -3.34
CA TYR A 180 4.97 2.23 -2.96
C TYR A 180 4.20 2.30 -4.28
N ALA A 181 4.00 1.11 -4.88
CA ALA A 181 3.28 0.93 -6.15
C ALA A 181 2.41 -0.35 -6.21
N ILE A 182 1.19 -0.24 -6.78
CA ILE A 182 0.24 -1.34 -7.02
C ILE A 182 0.93 -2.62 -7.61
N PRO A 183 1.78 -2.50 -8.69
CA PRO A 183 2.45 -3.70 -9.20
C PRO A 183 3.19 -4.50 -8.12
N TRP A 184 3.92 -3.79 -7.21
CA TRP A 184 4.67 -4.37 -6.07
C TRP A 184 3.75 -4.96 -4.99
N LEU A 185 2.90 -4.15 -4.38
CA LEU A 185 1.98 -4.52 -3.32
C LEU A 185 0.66 -3.76 -3.52
N ASN A 186 -0.47 -4.49 -3.51
CA ASN A 186 -1.79 -3.92 -3.75
C ASN A 186 -2.75 -4.29 -2.60
N GLU A 187 -2.73 -3.48 -1.53
CA GLU A 187 -3.53 -3.68 -0.32
C GLU A 187 -3.22 -5.04 0.35
N PRO A 188 -1.93 -5.28 0.73
CA PRO A 188 -1.61 -6.58 1.32
C PRO A 188 -2.00 -6.69 2.79
N SER A 189 -2.15 -7.94 3.28
CA SER A 189 -2.42 -8.32 4.68
C SER A 189 -1.41 -9.42 4.98
N PHE A 190 -0.31 -9.04 5.66
CA PHE A 190 0.82 -9.92 5.93
C PHE A 190 0.52 -11.09 6.83
N VAL A 191 1.02 -12.28 6.48
CA VAL A 191 0.69 -13.52 7.17
C VAL A 191 1.89 -14.21 7.78
N PHE A 192 2.99 -14.31 7.03
CA PHE A 192 4.16 -15.03 7.50
C PHE A 192 5.41 -14.70 6.68
N ALA A 193 6.60 -14.80 7.32
CA ALA A 193 7.91 -14.64 6.73
C ALA A 193 8.93 -15.52 7.45
N ASP A 194 9.94 -16.02 6.69
CA ASP A 194 11.06 -16.84 7.13
C ASP A 194 12.18 -16.84 6.06
N VAL A 195 13.41 -17.14 6.51
CA VAL A 195 14.58 -17.32 5.67
C VAL A 195 14.67 -18.80 5.27
N ILE A 196 14.86 -19.05 3.99
CA ILE A 196 15.14 -20.36 3.45
C ILE A 196 16.65 -20.33 3.11
N ARG A 197 17.45 -20.96 3.99
CA ARG A 197 18.91 -21.02 3.92
C ARG A 197 19.34 -21.98 2.82
N LYS A 198 20.52 -21.72 2.19
CA LYS A 198 21.18 -22.53 1.14
C LYS A 198 20.82 -24.02 1.26
N GLY A 205 28.08 -20.21 -3.36
CA GLY A 205 27.63 -19.51 -4.55
C GLY A 205 26.19 -19.02 -4.45
N GLU A 206 25.25 -19.97 -4.19
CA GLU A 206 23.81 -19.74 -4.02
C GLU A 206 23.57 -18.92 -2.75
N ASP A 207 22.76 -17.87 -2.86
CA ASP A 207 22.40 -16.97 -1.77
C ASP A 207 21.18 -17.51 -1.05
N ASP A 208 20.99 -17.08 0.22
CA ASP A 208 19.82 -17.39 1.03
C ASP A 208 18.67 -16.50 0.51
N ARG A 209 17.42 -16.90 0.78
CA ARG A 209 16.26 -16.11 0.40
C ARG A 209 15.36 -15.90 1.60
N VAL A 210 14.63 -14.77 1.62
CA VAL A 210 13.71 -14.42 2.70
C VAL A 210 12.30 -14.31 2.09
N TYR A 211 11.53 -15.38 2.29
CA TYR A 211 10.18 -15.55 1.77
C TYR A 211 9.17 -14.79 2.57
N PHE A 212 8.13 -14.27 1.88
CA PHE A 212 7.05 -13.51 2.47
C PHE A 212 5.73 -14.04 1.93
N PHE A 213 4.73 -14.14 2.82
CA PHE A 213 3.41 -14.66 2.49
C PHE A 213 2.36 -13.67 2.91
N PHE A 214 1.41 -13.38 2.01
CA PHE A 214 0.36 -12.38 2.25
C PHE A 214 -0.81 -12.50 1.26
N THR A 215 -1.88 -11.78 1.55
CA THR A 215 -3.09 -11.67 0.73
C THR A 215 -3.17 -10.22 0.28
N GLU A 216 -3.41 -10.00 -1.01
CA GLU A 216 -3.51 -8.67 -1.55
C GLU A 216 -4.55 -8.68 -2.65
N VAL A 217 -5.06 -7.49 -3.03
CA VAL A 217 -6.07 -7.28 -4.08
C VAL A 217 -5.44 -7.63 -5.43
N SER A 218 -6.03 -8.59 -6.18
CA SER A 218 -5.46 -9.06 -7.45
C SER A 218 -5.55 -8.07 -8.61
N VAL A 219 -4.47 -7.98 -9.42
CA VAL A 219 -4.39 -7.18 -10.66
C VAL A 219 -4.71 -8.02 -11.91
N GLU A 220 -4.37 -9.33 -11.85
CA GLU A 220 -4.60 -10.26 -12.96
C GLU A 220 -6.06 -10.66 -13.12
N TYR A 221 -6.83 -10.60 -12.03
CA TYR A 221 -8.24 -10.99 -12.00
C TYR A 221 -9.19 -9.82 -11.85
N GLU A 222 -10.39 -9.96 -12.44
CA GLU A 222 -11.46 -8.97 -12.37
C GLU A 222 -12.79 -9.69 -12.18
N PHE A 223 -13.54 -9.27 -11.16
CA PHE A 223 -14.81 -9.89 -10.84
C PHE A 223 -15.86 -8.84 -10.36
N VAL A 224 -16.98 -9.27 -9.73
CA VAL A 224 -18.03 -8.36 -9.24
C VAL A 224 -17.48 -7.38 -8.20
N PHE A 225 -16.69 -7.89 -7.23
CA PHE A 225 -15.97 -7.10 -6.24
C PHE A 225 -14.50 -7.31 -6.52
N ARG A 226 -13.65 -6.60 -5.79
CA ARG A 226 -12.21 -6.74 -5.91
C ARG A 226 -11.84 -8.10 -5.30
N VAL A 227 -11.06 -8.90 -6.06
CA VAL A 227 -10.68 -10.27 -5.70
C VAL A 227 -9.33 -10.33 -4.99
N LEU A 228 -9.30 -11.02 -3.86
CA LEU A 228 -8.06 -11.15 -3.13
C LEU A 228 -7.34 -12.36 -3.67
N ILE A 229 -6.02 -12.41 -3.44
CA ILE A 229 -5.20 -13.52 -3.88
C ILE A 229 -4.01 -13.78 -2.94
N PRO A 230 -3.84 -15.03 -2.45
CA PRO A 230 -2.66 -15.34 -1.64
C PRO A 230 -1.39 -15.21 -2.50
N ARG A 231 -0.31 -14.72 -1.86
CA ARG A 231 0.97 -14.49 -2.50
C ARG A 231 2.16 -15.13 -1.81
N ILE A 232 3.02 -15.74 -2.60
CA ILE A 232 4.30 -16.21 -2.08
C ILE A 232 5.28 -15.26 -2.74
N ALA A 233 6.18 -14.68 -1.93
CA ALA A 233 7.21 -13.78 -2.44
C ALA A 233 8.51 -14.11 -1.71
N ARG A 234 9.61 -13.63 -2.28
CA ARG A 234 10.96 -13.83 -1.77
C ARG A 234 11.83 -12.64 -2.17
N VAL A 235 12.88 -12.39 -1.38
CA VAL A 235 13.91 -11.39 -1.63
C VAL A 235 15.22 -12.15 -1.32
N CYS A 236 16.36 -11.67 -1.82
CA CYS A 236 17.66 -12.29 -1.60
C CYS A 236 18.31 -11.62 -0.42
N LYS A 237 18.90 -12.42 0.47
CA LYS A 237 19.55 -11.91 1.67
C LYS A 237 20.61 -10.85 1.29
N GLY A 238 21.45 -11.16 0.29
CA GLY A 238 22.52 -10.29 -0.18
C GLY A 238 22.15 -9.05 -0.96
N ASP A 239 20.84 -8.73 -1.05
CA ASP A 239 20.40 -7.55 -1.78
C ASP A 239 20.99 -6.27 -1.16
N GLN A 240 21.41 -5.34 -2.03
CA GLN A 240 21.97 -4.04 -1.64
C GLN A 240 21.30 -2.88 -2.38
N GLY A 241 20.30 -3.21 -3.19
CA GLY A 241 19.56 -2.28 -4.00
C GLY A 241 20.28 -1.94 -5.29
N GLY A 242 19.64 -1.10 -6.09
CA GLY A 242 20.23 -0.64 -7.33
C GLY A 242 21.06 0.58 -7.06
N LEU A 243 21.99 0.88 -7.99
CA LEU A 243 22.86 2.04 -7.93
C LEU A 243 22.17 3.30 -8.45
N ARG A 244 21.80 3.33 -9.76
CA ARG A 244 21.13 4.49 -10.38
C ARG A 244 19.60 4.51 -10.12
N THR A 245 18.93 3.36 -10.32
CA THR A 245 17.51 3.17 -10.05
C THR A 245 17.43 2.22 -8.86
N LEU A 246 16.24 1.98 -8.29
CA LEU A 246 16.06 1.09 -7.12
C LEU A 246 17.06 1.41 -5.98
N GLN A 247 17.33 2.71 -5.82
CA GLN A 247 18.21 3.25 -4.80
C GLN A 247 17.51 2.98 -3.47
N LYS A 248 18.13 2.17 -2.61
CA LYS A 248 17.60 1.78 -1.29
C LYS A 248 16.32 0.92 -1.43
N LYS A 249 16.15 0.23 -2.60
CA LYS A 249 14.99 -0.62 -2.93
C LYS A 249 15.38 -2.06 -3.30
N TRP A 250 14.46 -3.03 -3.09
CA TRP A 250 14.66 -4.44 -3.41
C TRP A 250 14.83 -4.66 -4.91
N THR A 251 15.88 -5.39 -5.31
CA THR A 251 16.09 -5.74 -6.72
C THR A 251 15.67 -7.21 -6.94
N SER A 252 15.51 -7.96 -5.83
CA SER A 252 15.23 -9.38 -5.82
C SER A 252 13.78 -9.75 -5.46
N PHE A 253 12.88 -8.75 -5.42
CA PHE A 253 11.48 -8.96 -5.08
C PHE A 253 10.66 -9.48 -6.25
N LEU A 254 10.28 -10.76 -6.16
CA LEU A 254 9.40 -11.42 -7.11
C LEU A 254 8.29 -12.05 -6.32
N LYS A 255 7.07 -12.04 -6.87
CA LYS A 255 5.91 -12.64 -6.21
C LYS A 255 5.13 -13.50 -7.18
N ALA A 256 4.26 -14.38 -6.65
CA ALA A 256 3.41 -15.27 -7.41
C ALA A 256 2.17 -15.68 -6.62
N ARG A 257 1.12 -16.09 -7.35
CA ARG A 257 -0.13 -16.64 -6.83
C ARG A 257 0.17 -17.91 -6.07
N LEU A 258 -0.52 -18.08 -4.96
CA LEU A 258 -0.44 -19.27 -4.15
C LEU A 258 -1.83 -19.82 -4.30
N ILE A 259 -1.94 -20.94 -4.98
CA ILE A 259 -3.26 -21.45 -5.29
C ILE A 259 -3.70 -22.62 -4.46
N CYS A 260 -4.81 -22.44 -3.71
CA CYS A 260 -5.42 -23.51 -2.93
C CYS A 260 -6.86 -23.69 -3.34
N SER A 261 -7.13 -24.78 -4.12
CA SER A 261 -8.46 -25.09 -4.64
C SER A 261 -8.65 -26.55 -5.10
N ARG A 262 -9.95 -27.01 -5.11
CA ARG A 262 -10.52 -28.28 -5.59
C ARG A 262 -11.53 -27.75 -6.64
N PRO A 263 -11.20 -27.80 -7.96
CA PRO A 263 -12.07 -27.17 -8.97
C PRO A 263 -13.29 -27.97 -9.39
N ASP A 264 -13.16 -29.30 -9.38
CA ASP A 264 -14.25 -30.23 -9.67
C ASP A 264 -15.42 -30.01 -8.68
N SER A 265 -15.22 -29.11 -7.69
CA SER A 265 -16.17 -28.75 -6.63
C SER A 265 -16.38 -27.21 -6.48
N GLY A 266 -15.71 -26.43 -7.34
CA GLY A 266 -15.80 -24.97 -7.34
C GLY A 266 -15.34 -24.29 -6.08
N LEU A 267 -14.45 -24.96 -5.34
CA LEU A 267 -13.90 -24.46 -4.09
C LEU A 267 -12.57 -23.77 -4.30
N VAL A 268 -12.52 -22.48 -4.00
CA VAL A 268 -11.33 -21.63 -4.11
C VAL A 268 -11.17 -20.91 -2.78
N PHE A 269 -9.96 -21.03 -2.22
CA PHE A 269 -9.59 -20.43 -0.95
C PHE A 269 -8.51 -19.37 -1.24
N ASN A 270 -8.97 -18.14 -1.45
CA ASN A 270 -8.08 -17.05 -1.82
C ASN A 270 -7.64 -16.11 -0.69
N VAL A 271 -7.84 -16.53 0.57
CA VAL A 271 -7.40 -15.73 1.70
C VAL A 271 -6.49 -16.62 2.55
N LEU A 272 -5.20 -16.27 2.59
CA LEU A 272 -4.16 -16.95 3.35
C LEU A 272 -4.28 -16.51 4.81
N ARG A 273 -4.31 -17.47 5.78
CA ARG A 273 -4.36 -17.19 7.22
C ARG A 273 -3.06 -17.49 7.96
N ASP A 274 -2.38 -18.61 7.67
CA ASP A 274 -1.09 -18.94 8.33
C ASP A 274 -0.21 -19.76 7.39
N VAL A 275 1.11 -19.80 7.69
CA VAL A 275 2.12 -20.55 6.92
C VAL A 275 3.09 -21.18 7.91
N PHE A 276 3.35 -22.47 7.76
CA PHE A 276 4.27 -23.19 8.61
C PHE A 276 5.34 -23.83 7.71
N VAL A 277 6.62 -23.75 8.09
CA VAL A 277 7.67 -24.40 7.30
C VAL A 277 8.05 -25.75 7.90
N LEU A 278 7.69 -26.85 7.22
CA LEU A 278 8.05 -28.17 7.71
C LEU A 278 9.53 -28.45 7.41
N ARG A 279 10.37 -28.34 8.44
CA ARG A 279 11.80 -28.58 8.25
C ARG A 279 12.12 -30.01 8.60
N SER A 280 12.08 -30.82 7.53
CA SER A 280 12.22 -32.28 7.53
C SER A 280 13.60 -32.73 7.98
N PRO A 281 13.64 -33.60 9.01
CA PRO A 281 14.94 -34.18 9.42
C PRO A 281 15.51 -35.03 8.27
N GLY A 282 14.62 -35.75 7.57
CA GLY A 282 14.91 -36.60 6.43
C GLY A 282 14.95 -35.88 5.09
N LEU A 283 13.82 -35.26 4.68
CA LEU A 283 13.72 -34.54 3.38
C LEU A 283 14.56 -33.27 3.26
N LYS A 284 15.41 -33.23 2.23
CA LYS A 284 16.33 -32.14 1.95
C LYS A 284 15.65 -30.83 1.56
N VAL A 285 14.37 -30.91 1.12
CA VAL A 285 13.61 -29.74 0.68
C VAL A 285 12.48 -29.41 1.70
N PRO A 286 12.39 -28.16 2.23
CA PRO A 286 11.28 -27.82 3.14
C PRO A 286 9.93 -27.70 2.42
N VAL A 287 8.85 -27.99 3.16
CA VAL A 287 7.49 -27.94 2.64
C VAL A 287 6.74 -26.86 3.40
N PHE A 288 6.11 -25.94 2.68
CA PHE A 288 5.31 -24.91 3.32
C PHE A 288 3.92 -25.46 3.50
N TYR A 289 3.41 -25.47 4.75
CA TYR A 289 2.04 -25.85 5.02
C TYR A 289 1.29 -24.57 5.19
N ALA A 290 0.44 -24.28 4.24
CA ALA A 290 -0.29 -23.03 4.25
C ALA A 290 -1.79 -23.22 4.58
N LEU A 291 -2.34 -22.32 5.43
CA LEU A 291 -3.74 -22.36 5.85
C LEU A 291 -4.53 -21.24 5.18
N PHE A 292 -5.60 -21.61 4.43
CA PHE A 292 -6.47 -20.65 3.71
C PHE A 292 -7.95 -20.79 4.01
N THR A 293 -8.68 -19.68 3.75
CA THR A 293 -10.14 -19.55 3.85
C THR A 293 -10.61 -18.83 2.56
N PRO A 294 -11.88 -18.98 2.14
CA PRO A 294 -12.32 -18.27 0.95
C PRO A 294 -12.71 -16.84 1.28
N GLN A 295 -12.49 -15.92 0.33
CA GLN A 295 -12.91 -14.54 0.45
C GLN A 295 -14.45 -14.50 0.29
N LEU A 296 -14.98 -15.20 -0.73
CA LEU A 296 -16.39 -15.21 -1.08
C LEU A 296 -17.20 -16.34 -0.46
N ASN A 297 -18.32 -15.96 0.17
CA ASN A 297 -19.31 -16.85 0.75
C ASN A 297 -18.81 -17.73 1.91
N ASN A 298 -17.79 -17.24 2.68
CA ASN A 298 -17.20 -17.96 3.81
C ASN A 298 -18.21 -18.07 4.89
N VAL A 299 -18.52 -19.30 5.27
CA VAL A 299 -19.59 -19.50 6.21
C VAL A 299 -19.43 -20.37 7.53
N GLY A 300 -18.25 -20.92 7.89
CA GLY A 300 -16.96 -20.85 7.23
C GLY A 300 -16.31 -22.16 6.84
N LEU A 301 -15.39 -22.03 5.89
CA LEU A 301 -14.60 -23.10 5.31
C LEU A 301 -13.12 -22.82 5.53
N SER A 302 -12.36 -23.89 5.68
CA SER A 302 -10.93 -23.81 5.83
C SER A 302 -10.33 -24.92 5.05
N ALA A 303 -9.14 -24.66 4.49
CA ALA A 303 -8.36 -25.60 3.70
C ALA A 303 -6.90 -25.50 4.06
N VAL A 304 -6.22 -26.64 4.01
CA VAL A 304 -4.79 -26.72 4.27
C VAL A 304 -4.12 -27.26 3.04
N CYS A 305 -3.30 -26.42 2.39
CA CYS A 305 -2.52 -26.76 1.21
C CYS A 305 -1.05 -26.81 1.57
N ALA A 306 -0.37 -27.89 1.13
CA ALA A 306 1.07 -28.09 1.32
C ALA A 306 1.78 -27.83 -0.02
N TYR A 307 2.77 -26.92 -0.01
CA TYR A 307 3.56 -26.51 -1.16
C TYR A 307 5.05 -26.88 -1.02
N ASN A 308 5.56 -27.59 -2.02
CA ASN A 308 6.96 -27.99 -2.09
C ASN A 308 7.77 -26.75 -2.52
N LEU A 309 8.77 -26.37 -1.71
CA LEU A 309 9.62 -25.21 -1.99
C LEU A 309 10.16 -25.20 -3.46
N SER A 310 10.65 -26.36 -3.95
CA SER A 310 11.18 -26.58 -5.31
C SER A 310 10.26 -26.03 -6.39
N THR A 311 8.93 -26.26 -6.23
CA THR A 311 7.87 -25.77 -7.12
C THR A 311 7.93 -24.24 -7.24
N ALA A 312 7.83 -23.55 -6.09
CA ALA A 312 7.91 -22.10 -6.01
C ALA A 312 9.23 -21.60 -6.62
N GLU A 313 10.38 -22.26 -6.27
CA GLU A 313 11.73 -21.95 -6.77
C GLU A 313 11.82 -22.02 -8.32
N GLU A 314 11.11 -23.00 -8.89
CA GLU A 314 10.97 -23.21 -10.32
C GLU A 314 10.26 -22.02 -11.02
N VAL A 315 9.23 -21.43 -10.36
CA VAL A 315 8.46 -20.31 -10.87
C VAL A 315 9.35 -19.07 -10.86
N PHE A 316 9.93 -18.76 -9.67
CA PHE A 316 10.82 -17.62 -9.54
C PHE A 316 12.07 -17.72 -10.41
N SER A 317 12.63 -18.92 -10.61
CA SER A 317 13.85 -19.07 -11.44
C SER A 317 13.67 -19.18 -12.95
N HIS A 318 12.56 -19.82 -13.42
CA HIS A 318 12.35 -20.06 -14.86
C HIS A 318 11.02 -19.62 -15.44
N GLY A 319 10.09 -19.21 -14.58
CA GLY A 319 8.75 -18.78 -14.99
C GLY A 319 8.72 -17.51 -15.81
N LYS A 320 7.71 -17.37 -16.65
CA LYS A 320 7.54 -16.17 -17.46
C LYS A 320 6.88 -15.17 -16.54
N TYR A 321 7.27 -13.89 -16.65
CA TYR A 321 6.72 -12.77 -15.87
C TYR A 321 5.39 -12.31 -16.49
N MET A 322 4.70 -11.40 -15.78
CA MET A 322 3.49 -10.78 -16.26
C MET A 322 3.81 -9.35 -16.65
N GLN A 323 3.21 -8.88 -17.76
CA GLN A 323 3.33 -7.52 -18.31
C GLN A 323 2.04 -6.77 -17.96
N SER A 324 2.12 -5.45 -17.75
CA SER A 324 0.92 -4.62 -17.57
C SER A 324 0.78 -3.87 -18.88
N THR A 325 -0.45 -3.72 -19.37
CA THR A 325 -0.68 -3.07 -20.64
C THR A 325 -1.82 -2.08 -20.56
N THR A 326 -1.77 -1.05 -21.41
CA THR A 326 -2.86 -0.08 -21.52
C THR A 326 -3.91 -0.65 -22.45
N VAL A 327 -5.16 -0.55 -22.05
CA VAL A 327 -6.28 -1.12 -22.79
C VAL A 327 -7.40 -0.08 -22.90
N GLU A 328 -7.54 0.51 -24.09
CA GLU A 328 -8.62 1.38 -24.51
C GLU A 328 -9.07 2.54 -23.54
N GLN A 329 -8.24 3.51 -23.19
CA GLN A 329 -6.79 3.68 -23.26
C GLN A 329 -6.49 4.22 -21.84
N SER A 330 -7.51 4.05 -20.95
CA SER A 330 -7.57 4.48 -19.57
C SER A 330 -7.59 3.31 -18.64
N HIS A 331 -7.53 2.06 -19.18
CA HIS A 331 -7.56 0.87 -18.34
C HIS A 331 -6.24 0.14 -18.33
N THR A 332 -5.96 -0.63 -17.25
CA THR A 332 -4.76 -1.48 -17.20
C THR A 332 -5.18 -2.90 -17.04
N LYS A 333 -4.64 -3.78 -17.89
CA LYS A 333 -4.85 -5.22 -17.84
C LYS A 333 -3.47 -5.91 -17.78
N TRP A 334 -3.41 -7.08 -17.11
CA TRP A 334 -2.17 -7.84 -16.92
C TRP A 334 -2.19 -9.15 -17.69
N VAL A 335 -1.16 -9.37 -18.52
CA VAL A 335 -1.04 -10.57 -19.37
C VAL A 335 0.35 -11.18 -19.27
N ARG A 336 0.49 -12.45 -19.71
CA ARG A 336 1.75 -13.18 -19.74
C ARG A 336 2.69 -12.40 -20.64
N TYR A 337 3.94 -12.22 -20.20
CA TYR A 337 4.93 -11.53 -21.02
C TYR A 337 5.67 -12.61 -21.77
N ASN A 338 5.65 -12.50 -23.10
CA ASN A 338 6.31 -13.46 -23.93
C ASN A 338 7.47 -12.83 -24.69
N GLY A 339 7.82 -11.61 -24.29
CA GLY A 339 8.92 -10.89 -24.92
C GLY A 339 10.29 -11.28 -24.38
N PRO A 340 11.36 -10.55 -24.83
CA PRO A 340 12.73 -10.89 -24.39
C PRO A 340 13.05 -10.52 -22.95
N VAL A 341 13.50 -11.51 -22.19
CA VAL A 341 13.88 -11.33 -20.78
C VAL A 341 15.39 -10.98 -20.67
N PRO A 342 15.78 -9.88 -19.95
CA PRO A 342 17.22 -9.54 -19.82
C PRO A 342 18.04 -10.60 -19.10
N LYS A 343 19.36 -10.50 -19.27
CA LYS A 343 20.35 -11.35 -18.60
C LYS A 343 21.41 -10.41 -17.99
N PRO A 344 21.79 -10.53 -16.69
CA PRO A 344 21.30 -11.50 -15.70
C PRO A 344 19.78 -11.39 -15.44
N ARG A 345 19.15 -12.53 -15.07
CA ARG A 345 17.70 -12.62 -14.86
C ARG A 345 17.19 -11.65 -13.82
N PRO A 346 16.18 -10.83 -14.19
CA PRO A 346 15.61 -9.87 -13.22
C PRO A 346 15.04 -10.62 -12.03
N GLY A 347 15.34 -10.13 -10.83
CA GLY A 347 14.84 -10.72 -9.59
C GLY A 347 15.67 -11.85 -9.03
N ALA A 348 16.62 -12.37 -9.80
CA ALA A 348 17.52 -13.44 -9.37
C ALA A 348 18.54 -12.92 -8.33
N CYS A 349 19.17 -13.85 -7.56
CA CYS A 349 20.20 -13.51 -6.55
C CYS A 349 21.58 -13.43 -7.21
N ILE A 350 22.59 -12.88 -6.48
CA ILE A 350 23.97 -12.91 -6.98
C ILE A 350 24.49 -14.35 -6.72
N ASP A 351 24.37 -15.16 -7.78
CA ASP A 351 24.70 -16.58 -7.85
C ASP A 351 26.06 -16.78 -8.55
N SER A 352 26.45 -18.05 -8.75
CA SER A 352 27.66 -18.48 -9.45
C SER A 352 27.76 -17.89 -10.86
N GLU A 353 26.63 -17.87 -11.60
CA GLU A 353 26.50 -17.36 -12.97
C GLU A 353 26.86 -15.89 -13.08
N ALA A 354 26.22 -15.05 -12.24
CA ALA A 354 26.42 -13.60 -12.17
C ALA A 354 27.89 -13.25 -11.88
N ARG A 355 28.49 -13.95 -10.89
CA ARG A 355 29.86 -13.74 -10.45
C ARG A 355 30.88 -13.99 -11.55
N ALA A 356 30.54 -14.90 -12.49
CA ALA A 356 31.34 -15.23 -13.67
C ALA A 356 31.34 -14.05 -14.64
N ALA A 357 30.19 -13.35 -14.75
CA ALA A 357 30.04 -12.17 -15.61
C ALA A 357 30.41 -10.88 -14.85
N ASN A 358 31.32 -11.03 -13.86
CA ASN A 358 31.88 -9.98 -13.01
C ASN A 358 30.84 -9.11 -12.28
N TYR A 359 29.78 -9.77 -11.75
CA TYR A 359 28.75 -9.12 -10.94
C TYR A 359 28.92 -9.58 -9.48
N THR A 360 29.29 -8.65 -8.59
CA THR A 360 29.49 -9.00 -7.19
C THR A 360 28.28 -8.69 -6.35
N SER A 361 27.55 -7.61 -6.68
CA SER A 361 26.34 -7.25 -5.95
C SER A 361 25.31 -6.58 -6.86
N SER A 362 24.07 -6.40 -6.32
CA SER A 362 22.92 -5.72 -6.96
C SER A 362 23.36 -4.34 -7.40
N LEU A 363 24.28 -3.74 -6.63
CA LEU A 363 24.79 -2.42 -6.91
C LEU A 363 25.53 -2.33 -8.25
N ASN A 364 25.98 -3.48 -8.79
CA ASN A 364 26.63 -3.52 -10.11
C ASN A 364 25.86 -4.30 -11.20
N LEU A 365 24.52 -4.43 -11.03
CA LEU A 365 23.67 -5.08 -12.02
C LEU A 365 23.34 -4.08 -13.15
N PRO A 366 23.16 -4.53 -14.42
CA PRO A 366 22.81 -3.57 -15.49
C PRO A 366 21.47 -2.91 -15.21
N ASP A 367 21.30 -1.64 -15.61
CA ASP A 367 20.05 -0.89 -15.42
C ASP A 367 18.88 -1.53 -16.14
N LYS A 368 19.15 -2.28 -17.23
CA LYS A 368 18.21 -3.06 -18.07
C LYS A 368 17.45 -4.07 -17.21
N THR A 369 18.20 -4.92 -16.48
CA THR A 369 17.72 -5.96 -15.56
C THR A 369 16.93 -5.29 -14.40
N LEU A 370 17.54 -4.27 -13.72
CA LEU A 370 16.90 -3.55 -12.60
C LEU A 370 15.57 -2.89 -13.00
N GLN A 371 15.53 -2.26 -14.19
CA GLN A 371 14.30 -1.63 -14.66
C GLN A 371 13.22 -2.70 -14.88
N PHE A 372 13.62 -3.86 -15.47
CA PHE A 372 12.70 -4.98 -15.72
C PHE A 372 12.04 -5.44 -14.46
N VAL A 373 12.81 -5.85 -13.44
CA VAL A 373 12.24 -6.30 -12.18
C VAL A 373 11.31 -5.28 -11.54
N LYS A 374 11.67 -3.96 -11.57
CA LYS A 374 10.88 -2.85 -11.04
C LYS A 374 9.49 -2.77 -11.70
N ASP A 375 9.42 -3.08 -13.01
CA ASP A 375 8.19 -3.06 -13.78
C ASP A 375 7.54 -4.40 -13.96
N HIS A 376 8.17 -5.49 -13.47
CA HIS A 376 7.60 -6.84 -13.55
C HIS A 376 7.83 -7.62 -12.24
N PRO A 377 7.24 -7.21 -11.09
CA PRO A 377 7.47 -8.00 -9.88
C PRO A 377 6.64 -9.29 -9.85
N LEU A 378 5.54 -9.33 -10.64
CA LEU A 378 4.59 -10.45 -10.69
C LEU A 378 4.83 -11.49 -11.79
N MET A 379 4.79 -12.78 -11.38
CA MET A 379 5.02 -13.93 -12.25
C MET A 379 3.70 -14.44 -12.85
N ASP A 380 3.75 -14.91 -14.11
CA ASP A 380 2.57 -15.48 -14.77
C ASP A 380 2.16 -16.81 -14.21
N ASP A 381 3.13 -17.68 -13.81
CA ASP A 381 2.78 -19.00 -13.29
C ASP A 381 2.34 -19.01 -11.81
N SER A 382 1.35 -19.84 -11.48
CA SER A 382 0.88 -19.96 -10.11
C SER A 382 1.74 -20.98 -9.42
N VAL A 383 1.86 -20.85 -8.09
CA VAL A 383 2.56 -21.81 -7.26
C VAL A 383 1.46 -22.71 -6.72
N THR A 384 1.50 -23.95 -7.17
CA THR A 384 0.51 -24.99 -6.90
C THR A 384 0.87 -25.95 -5.76
N PRO A 385 -0.15 -26.55 -5.09
CA PRO A 385 0.16 -27.50 -4.00
C PRO A 385 0.66 -28.86 -4.49
N ILE A 386 1.27 -29.65 -3.57
CA ILE A 386 1.74 -31.04 -3.80
C ILE A 386 0.49 -31.88 -4.13
N ASP A 387 0.58 -32.75 -5.14
CA ASP A 387 -0.57 -33.56 -5.58
C ASP A 387 -1.73 -32.68 -6.13
N ASN A 388 -1.43 -31.41 -6.46
CA ASN A 388 -2.31 -30.39 -7.05
C ASN A 388 -3.70 -30.22 -6.35
N ARG A 389 -3.77 -30.50 -5.04
CA ARG A 389 -4.98 -30.40 -4.26
C ARG A 389 -4.71 -30.15 -2.78
N PRO A 390 -5.68 -29.55 -2.02
CA PRO A 390 -5.48 -29.35 -0.57
C PRO A 390 -5.33 -30.66 0.18
N ARG A 391 -4.57 -30.63 1.30
CA ARG A 391 -4.36 -31.77 2.18
C ARG A 391 -5.58 -31.99 3.06
N LEU A 392 -6.35 -30.92 3.27
CA LEU A 392 -7.55 -30.95 4.08
C LEU A 392 -8.45 -29.77 3.69
N ILE A 393 -9.76 -30.03 3.57
CA ILE A 393 -10.83 -29.06 3.33
C ILE A 393 -11.84 -29.39 4.40
N LYS A 394 -12.20 -28.41 5.24
CA LYS A 394 -13.15 -28.59 6.33
C LYS A 394 -14.29 -27.57 6.24
N LYS A 395 -15.52 -27.99 6.60
CA LYS A 395 -16.67 -27.08 6.67
C LYS A 395 -17.14 -26.91 8.11
N ASP A 396 -17.83 -25.79 8.39
CA ASP A 396 -18.33 -25.44 9.73
C ASP A 396 -17.19 -25.18 10.74
N VAL A 397 -16.02 -24.73 10.25
CA VAL A 397 -14.86 -24.41 11.09
C VAL A 397 -13.99 -23.34 10.43
N ASN A 398 -13.66 -22.32 11.22
CA ASN A 398 -12.80 -21.22 10.84
C ASN A 398 -11.43 -21.44 11.50
N TYR A 399 -10.50 -22.08 10.78
CA TYR A 399 -9.13 -22.35 11.25
C TYR A 399 -8.29 -21.06 11.27
N THR A 400 -7.51 -20.87 12.36
CA THR A 400 -6.73 -19.65 12.62
C THR A 400 -5.22 -19.73 12.47
N GLN A 401 -4.57 -20.77 13.00
CA GLN A 401 -3.12 -20.95 12.85
C GLN A 401 -2.82 -22.44 12.66
N ILE A 402 -1.63 -22.76 12.09
CA ILE A 402 -1.22 -24.14 11.80
C ILE A 402 0.25 -24.42 12.18
N VAL A 403 0.51 -25.69 12.60
CA VAL A 403 1.80 -26.29 12.89
C VAL A 403 1.77 -27.73 12.42
N VAL A 404 2.93 -28.26 11.99
CA VAL A 404 3.05 -29.64 11.48
C VAL A 404 4.28 -30.33 12.05
N ASP A 405 4.10 -31.55 12.55
CA ASP A 405 5.21 -32.36 13.05
C ASP A 405 5.35 -33.62 12.19
N ARG A 406 6.53 -33.82 11.60
CA ARG A 406 6.78 -35.01 10.81
C ARG A 406 7.15 -36.16 11.81
N THR A 407 6.23 -37.14 11.98
CA THR A 407 6.42 -38.26 12.93
C THR A 407 6.45 -39.64 12.28
N GLN A 408 7.36 -40.50 12.75
CA GLN A 408 7.52 -41.87 12.27
C GLN A 408 6.61 -42.78 13.08
N ALA A 409 5.77 -43.58 12.41
CA ALA A 409 4.90 -44.52 13.12
C ALA A 409 5.71 -45.79 13.55
N LEU A 410 5.06 -46.78 14.21
CA LEU A 410 5.72 -48.01 14.65
C LEU A 410 6.28 -48.78 13.45
N ASP A 411 5.46 -48.81 12.39
CA ASP A 411 5.60 -49.37 11.05
C ASP A 411 6.76 -48.69 10.30
N GLY A 412 7.04 -47.46 10.67
CA GLY A 412 8.08 -46.66 10.04
C GLY A 412 7.49 -45.70 9.02
N THR A 413 6.16 -45.81 8.75
CA THR A 413 5.49 -44.92 7.81
C THR A 413 5.36 -43.53 8.40
N VAL A 414 5.92 -42.56 7.69
CA VAL A 414 5.96 -41.18 8.14
C VAL A 414 4.67 -40.43 7.88
N TYR A 415 4.15 -39.78 8.93
CA TYR A 415 2.93 -38.98 8.87
C TYR A 415 3.25 -37.55 9.20
N ASP A 416 2.68 -36.61 8.42
CA ASP A 416 2.84 -35.18 8.70
C ASP A 416 1.60 -34.79 9.52
N VAL A 417 1.80 -34.61 10.84
CA VAL A 417 0.74 -34.31 11.80
C VAL A 417 0.35 -32.83 11.82
N MET A 418 -0.88 -32.54 11.40
CA MET A 418 -1.40 -31.18 11.31
C MET A 418 -2.17 -30.74 12.59
N PHE A 419 -1.60 -29.78 13.33
CA PHE A 419 -2.26 -29.19 14.49
C PHE A 419 -2.90 -27.89 14.00
N VAL A 420 -4.23 -27.85 13.99
CA VAL A 420 -4.94 -26.67 13.49
C VAL A 420 -5.85 -26.08 14.53
N SER A 421 -5.63 -24.80 14.82
CA SER A 421 -6.36 -24.04 15.81
C SER A 421 -7.60 -23.40 15.20
N THR A 422 -8.61 -23.12 16.03
CA THR A 422 -9.87 -22.53 15.55
C THR A 422 -10.11 -21.19 16.20
N ASP A 423 -11.09 -20.44 15.66
CA ASP A 423 -11.50 -19.14 16.16
C ASP A 423 -12.41 -19.23 17.41
N ARG A 424 -12.48 -20.44 18.00
CA ARG A 424 -13.27 -20.69 19.20
C ARG A 424 -12.42 -21.38 20.30
N GLY A 425 -11.09 -21.25 20.20
CA GLY A 425 -10.12 -21.78 21.16
C GLY A 425 -9.89 -23.27 21.15
N ALA A 426 -10.04 -23.91 20.00
CA ALA A 426 -9.90 -25.36 19.87
C ALA A 426 -8.74 -25.78 18.97
N LEU A 427 -8.22 -26.98 19.19
CA LEU A 427 -7.12 -27.52 18.40
C LEU A 427 -7.48 -28.89 17.85
N HIS A 428 -7.32 -29.03 16.53
CA HIS A 428 -7.61 -30.27 15.84
C HIS A 428 -6.32 -30.92 15.42
N LYS A 429 -6.26 -32.23 15.53
CA LYS A 429 -5.07 -32.99 15.13
C LYS A 429 -5.50 -33.84 13.94
N ALA A 430 -4.92 -33.57 12.77
CA ALA A 430 -5.28 -34.27 11.56
C ALA A 430 -4.10 -34.80 10.79
N ILE A 431 -4.31 -35.94 10.12
CA ILE A 431 -3.32 -36.59 9.27
C ILE A 431 -4.00 -37.04 7.99
N SER A 432 -3.30 -36.92 6.85
CA SER A 432 -3.88 -37.35 5.59
C SER A 432 -3.60 -38.85 5.47
N LEU A 433 -4.57 -39.70 5.92
CA LEU A 433 -4.48 -41.18 5.86
C LEU A 433 -4.56 -41.63 4.39
N GLU A 434 -4.77 -42.94 4.09
CA GLU A 434 -4.80 -43.30 2.67
C GLU A 434 -5.92 -42.64 1.87
N HIS A 435 -5.50 -41.54 1.21
CA HIS A 435 -6.25 -40.61 0.36
C HIS A 435 -7.53 -40.01 0.99
N ALA A 436 -7.53 -39.86 2.34
CA ALA A 436 -8.62 -39.32 3.14
C ALA A 436 -8.12 -38.72 4.47
N VAL A 437 -8.70 -37.59 4.90
CA VAL A 437 -8.33 -36.93 6.15
C VAL A 437 -8.91 -37.68 7.37
N HIS A 438 -8.08 -37.84 8.39
CA HIS A 438 -8.48 -38.41 9.66
C HIS A 438 -8.15 -37.35 10.71
N ILE A 439 -9.20 -36.81 11.36
CA ILE A 439 -9.05 -35.84 12.45
C ILE A 439 -9.10 -36.69 13.72
N ILE A 440 -7.89 -37.07 14.20
CA ILE A 440 -7.62 -37.91 15.38
C ILE A 440 -8.43 -37.50 16.61
N GLU A 441 -8.39 -36.20 16.94
CA GLU A 441 -9.02 -35.61 18.13
C GLU A 441 -9.15 -34.11 18.00
N GLU A 442 -9.95 -33.50 18.89
CA GLU A 442 -10.08 -32.06 19.04
C GLU A 442 -10.06 -31.75 20.51
N THR A 443 -9.40 -30.65 20.89
CA THR A 443 -9.27 -30.27 22.31
C THR A 443 -9.66 -28.82 22.50
N GLN A 444 -10.47 -28.53 23.53
CA GLN A 444 -10.87 -27.16 23.80
C GLN A 444 -9.79 -26.48 24.67
N LEU A 445 -8.84 -25.83 24.01
CA LEU A 445 -7.74 -25.16 24.66
C LEU A 445 -8.21 -24.00 25.54
N PHE A 446 -9.17 -23.20 25.06
CA PHE A 446 -9.61 -22.06 25.85
C PHE A 446 -11.03 -22.25 26.33
N GLN A 447 -11.23 -22.27 27.67
CA GLN A 447 -12.55 -22.43 28.30
C GLN A 447 -13.49 -21.29 27.94
N ASP A 448 -12.92 -20.18 27.42
CA ASP A 448 -13.70 -19.02 27.04
C ASP A 448 -13.90 -18.86 25.53
N PHE A 449 -13.61 -19.92 24.74
CA PHE A 449 -13.74 -19.94 23.28
C PHE A 449 -13.05 -18.75 22.57
N GLU A 450 -11.97 -18.24 23.20
CA GLU A 450 -11.16 -17.15 22.65
C GLU A 450 -10.42 -17.66 21.41
N PRO A 451 -10.49 -16.96 20.25
CA PRO A 451 -9.79 -17.44 19.04
C PRO A 451 -8.29 -17.56 19.24
N VAL A 452 -7.69 -18.66 18.79
CA VAL A 452 -6.24 -18.88 18.89
C VAL A 452 -5.57 -17.98 17.83
N GLN A 453 -4.94 -16.88 18.30
CA GLN A 453 -4.31 -15.87 17.45
C GLN A 453 -2.96 -16.39 16.95
N THR A 454 -2.16 -17.00 17.85
CA THR A 454 -0.85 -17.54 17.53
C THR A 454 -0.67 -18.97 18.02
N LEU A 455 0.11 -19.76 17.26
CA LEU A 455 0.41 -21.17 17.57
C LEU A 455 1.90 -21.44 17.34
N LEU A 456 2.54 -22.21 18.25
CA LEU A 456 3.98 -22.51 18.19
C LEU A 456 4.36 -23.93 18.71
N LEU A 457 5.01 -24.71 17.81
CA LEU A 457 5.43 -26.10 18.05
C LEU A 457 6.88 -26.30 18.43
N SER A 458 7.10 -27.14 19.48
CA SER A 458 8.39 -27.60 19.98
C SER A 458 8.33 -29.13 19.91
N SER A 459 8.86 -29.74 18.82
CA SER A 459 8.84 -31.20 18.68
C SER A 459 10.07 -31.91 19.31
N LYS A 460 10.96 -31.10 19.96
CA LYS A 460 12.22 -31.51 20.64
C LYS A 460 12.04 -32.55 21.75
N LYS A 461 12.99 -33.53 21.79
CA LYS A 461 13.09 -34.62 22.74
C LYS A 461 12.87 -34.12 24.18
N GLY A 462 11.85 -34.68 24.83
CA GLY A 462 11.47 -34.31 26.18
C GLY A 462 10.37 -33.29 26.19
N ASN A 463 10.70 -32.05 25.79
CA ASN A 463 9.78 -30.91 25.73
C ASN A 463 8.95 -30.87 24.42
N ARG A 464 8.10 -31.92 24.21
CA ARG A 464 7.22 -32.03 23.04
C ARG A 464 5.88 -31.33 23.33
N PHE A 465 5.73 -30.05 22.91
CA PHE A 465 4.54 -29.26 23.19
C PHE A 465 4.10 -28.35 22.11
N VAL A 466 2.83 -27.91 22.19
CA VAL A 466 2.20 -26.92 21.31
C VAL A 466 1.79 -25.78 22.25
N TYR A 467 2.10 -24.55 21.85
CA TYR A 467 1.81 -23.38 22.65
C TYR A 467 0.91 -22.44 21.86
N ALA A 468 -0.30 -22.18 22.40
CA ALA A 468 -1.31 -21.34 21.77
C ALA A 468 -1.65 -20.08 22.53
N GLY A 469 -1.54 -18.94 21.88
CA GLY A 469 -1.88 -17.65 22.47
C GLY A 469 -3.20 -17.08 21.98
N SER A 470 -3.96 -16.46 22.87
CA SER A 470 -5.23 -15.78 22.56
C SER A 470 -5.25 -14.46 23.32
N ASN A 471 -6.34 -13.67 23.21
CA ASN A 471 -6.42 -12.42 24.00
C ASN A 471 -6.54 -12.68 25.53
N SER A 472 -7.00 -13.88 25.97
CA SER A 472 -7.18 -14.15 27.39
C SER A 472 -6.02 -14.79 28.18
N GLY A 473 -5.09 -15.41 27.46
CA GLY A 473 -3.92 -16.08 28.00
C GLY A 473 -3.25 -16.99 27.00
N VAL A 474 -2.37 -17.87 27.48
CA VAL A 474 -1.60 -18.87 26.71
C VAL A 474 -1.89 -20.30 27.28
N VAL A 475 -1.91 -21.32 26.39
CA VAL A 475 -2.14 -22.73 26.76
C VAL A 475 -0.98 -23.60 26.28
N GLN A 476 -0.63 -24.61 27.08
CA GLN A 476 0.44 -25.57 26.82
C GLN A 476 -0.18 -26.96 26.69
N ALA A 477 -0.07 -27.56 25.52
CA ALA A 477 -0.64 -28.91 25.35
C ALA A 477 0.40 -29.92 24.87
N PRO A 478 0.33 -31.21 25.25
CA PRO A 478 1.24 -32.19 24.63
C PRO A 478 0.79 -32.48 23.18
N LEU A 479 1.53 -33.33 22.46
CA LEU A 479 1.17 -33.66 21.07
C LEU A 479 0.21 -34.82 21.00
N ALA A 480 -0.01 -35.51 22.15
CA ALA A 480 -0.88 -36.68 22.24
C ALA A 480 -1.39 -36.88 23.66
N PHE A 481 -2.46 -37.67 23.79
CA PHE A 481 -2.99 -37.99 25.11
C PHE A 481 -3.18 -39.52 25.23
N CYS A 482 -2.23 -40.30 24.66
CA CYS A 482 -2.25 -41.77 24.62
C CYS A 482 -2.86 -42.46 25.86
N GLY A 483 -2.59 -41.89 27.03
CA GLY A 483 -3.08 -42.38 28.31
C GLY A 483 -4.59 -42.33 28.49
N LYS A 484 -5.27 -41.42 27.78
CA LYS A 484 -6.73 -41.31 27.86
C LYS A 484 -7.43 -42.56 27.32
N HIS A 485 -6.77 -43.29 26.39
CA HIS A 485 -7.29 -44.52 25.81
C HIS A 485 -7.22 -45.68 26.81
N GLY A 486 -8.37 -46.31 27.07
CA GLY A 486 -8.49 -47.39 28.05
C GLY A 486 -8.09 -48.81 27.65
N THR A 487 -8.59 -49.27 26.50
CA THR A 487 -8.35 -50.62 25.99
C THR A 487 -7.35 -50.59 24.83
N CYS A 488 -6.87 -51.76 24.39
CA CYS A 488 -5.96 -51.88 23.24
C CYS A 488 -6.71 -51.47 21.98
N GLU A 489 -7.96 -51.93 21.87
CA GLU A 489 -8.85 -51.63 20.75
C GLU A 489 -8.96 -50.13 20.62
N ASP A 490 -9.33 -49.44 21.74
CA ASP A 490 -9.43 -47.97 21.84
C ASP A 490 -8.14 -47.25 21.46
N CYS A 491 -6.99 -47.80 21.88
CA CYS A 491 -5.67 -47.27 21.57
C CYS A 491 -5.40 -47.35 20.05
N VAL A 492 -5.60 -48.54 19.42
CA VAL A 492 -5.40 -48.77 17.97
C VAL A 492 -6.37 -47.95 17.09
N LEU A 493 -7.68 -48.03 17.40
CA LEU A 493 -8.81 -47.36 16.73
C LEU A 493 -8.66 -45.87 16.62
N ALA A 494 -7.86 -45.26 17.51
CA ALA A 494 -7.57 -43.82 17.53
C ALA A 494 -6.88 -43.38 16.24
N ARG A 495 -6.00 -44.27 15.68
CA ARG A 495 -5.19 -44.06 14.45
C ARG A 495 -4.40 -42.76 14.56
N ASP A 496 -3.59 -42.71 15.63
CA ASP A 496 -2.71 -41.63 16.03
C ASP A 496 -1.31 -42.23 15.92
N PRO A 497 -0.44 -41.70 15.04
CA PRO A 497 0.92 -42.27 14.90
C PRO A 497 1.76 -42.16 16.16
N TYR A 498 1.35 -41.27 17.08
CA TYR A 498 2.02 -41.04 18.35
C TYR A 498 1.70 -42.12 19.36
N CYS A 499 0.51 -42.77 19.26
CA CYS A 499 0.04 -43.77 20.25
C CYS A 499 0.13 -45.21 19.84
N ALA A 500 0.68 -46.03 20.78
CA ALA A 500 0.88 -47.48 20.71
C ALA A 500 0.40 -48.14 21.99
N TRP A 501 -0.11 -49.38 21.92
CA TRP A 501 -0.55 -50.11 23.11
C TRP A 501 0.58 -50.97 23.68
N SER A 502 0.81 -50.87 25.01
CA SER A 502 1.83 -51.65 25.70
C SER A 502 1.18 -52.79 26.52
N PRO A 503 1.27 -54.06 26.01
CA PRO A 503 0.72 -55.19 26.78
C PRO A 503 1.37 -55.36 28.16
N PRO A 504 2.74 -55.36 28.35
CA PRO A 504 3.29 -55.43 29.73
C PRO A 504 2.77 -54.40 30.74
N THR A 505 2.70 -53.12 30.36
CA THR A 505 2.23 -52.06 31.27
C THR A 505 0.72 -51.83 31.32
N ALA A 506 -0.05 -52.51 30.43
CA ALA A 506 -1.52 -52.45 30.31
C ALA A 506 -2.02 -51.01 30.09
N THR A 507 -1.20 -50.20 29.40
CA THR A 507 -1.50 -48.79 29.15
C THR A 507 -1.14 -48.43 27.71
N CYS A 508 -1.92 -47.50 27.12
CA CYS A 508 -1.70 -46.97 25.78
C CYS A 508 -0.68 -45.85 25.96
N VAL A 509 0.51 -46.10 25.40
CA VAL A 509 1.71 -45.28 25.54
C VAL A 509 1.99 -44.40 24.35
N ALA A 510 2.85 -43.40 24.56
CA ALA A 510 3.30 -42.49 23.52
C ALA A 510 4.61 -43.00 22.95
N LEU A 511 4.53 -43.68 21.80
CA LEU A 511 5.63 -44.23 21.01
C LEU A 511 6.54 -43.04 20.69
N HIS A 512 7.88 -43.18 20.88
CA HIS A 512 8.89 -42.12 20.70
C HIS A 512 8.88 -41.14 21.89
N GLN A 513 8.65 -41.67 23.10
CA GLN A 513 8.64 -40.93 24.37
C GLN A 513 8.87 -41.89 25.56
N THR A 514 7.98 -42.89 25.72
CA THR A 514 8.00 -43.91 26.78
C THR A 514 9.21 -44.85 26.68
N GLU A 515 9.56 -45.51 27.80
CA GLU A 515 10.66 -46.48 27.85
C GLU A 515 10.13 -47.93 27.86
N SER A 516 9.31 -48.23 26.83
CA SER A 516 8.66 -49.52 26.59
C SER A 516 9.36 -50.19 25.39
N PRO A 517 9.31 -51.54 25.23
CA PRO A 517 10.03 -52.15 24.11
C PRO A 517 9.31 -52.07 22.77
N SER A 518 9.94 -51.40 21.78
CA SER A 518 9.47 -51.19 20.40
C SER A 518 8.90 -52.46 19.73
N ARG A 519 9.71 -53.56 19.73
CA ARG A 519 9.42 -54.88 19.14
C ARG A 519 8.18 -55.56 19.74
N GLY A 520 7.88 -55.23 21.00
CA GLY A 520 6.71 -55.73 21.72
C GLY A 520 5.69 -54.66 22.02
N LEU A 521 5.17 -54.01 20.95
CA LEU A 521 4.16 -52.93 21.00
C LEU A 521 3.13 -53.07 19.89
N ILE A 522 1.89 -52.62 20.15
CA ILE A 522 0.79 -52.72 19.19
C ILE A 522 0.32 -51.35 18.61
N GLN A 523 0.31 -51.25 17.27
CA GLN A 523 -0.16 -50.09 16.51
C GLN A 523 -0.50 -50.53 15.09
N GLU A 524 -1.70 -50.14 14.65
CA GLU A 524 -2.22 -50.40 13.31
C GLU A 524 -3.02 -49.17 12.87
N MET A 525 -2.45 -48.43 11.92
CA MET A 525 -3.04 -47.22 11.37
C MET A 525 -4.25 -47.54 10.47
N SER A 526 -4.44 -48.85 10.17
CA SER A 526 -5.56 -49.40 9.41
C SER A 526 -6.82 -49.35 10.31
N GLY A 527 -6.60 -49.43 11.63
CA GLY A 527 -7.66 -49.37 12.63
C GLY A 527 -8.20 -50.73 13.02
N ASP A 528 -7.55 -51.81 12.49
CA ASP A 528 -7.90 -53.21 12.77
C ASP A 528 -7.42 -53.55 14.17
N ALA A 529 -8.34 -53.42 15.14
CA ALA A 529 -8.09 -53.68 16.55
C ALA A 529 -8.01 -55.21 16.82
N SER A 530 -7.97 -56.00 15.73
CA SER A 530 -7.85 -57.46 15.67
C SER A 530 -6.46 -57.93 16.16
N VAL A 531 -5.45 -57.05 16.06
CA VAL A 531 -4.07 -57.30 16.51
C VAL A 531 -3.96 -57.40 18.06
N CYS A 532 -5.05 -57.03 18.76
CA CYS A 532 -5.19 -57.01 20.22
C CYS A 532 -5.66 -58.36 20.80
N PRO A 533 -5.17 -58.72 22.01
CA PRO A 533 -5.53 -60.00 22.63
C PRO A 533 -7.00 -60.32 22.99
N ASP A 534 -7.77 -59.34 23.53
CA ASP A 534 -9.18 -59.54 23.94
C ASP A 534 -10.07 -58.38 23.47
N TYR A 540 -18.55 -55.35 35.30
CA TYR A 540 -19.99 -55.50 35.56
C TYR A 540 -20.51 -54.64 36.74
N ARG A 541 -20.99 -53.41 36.43
CA ARG A 541 -21.55 -52.48 37.41
C ARG A 541 -22.89 -53.03 37.90
N GLN A 542 -22.91 -53.52 39.15
CA GLN A 542 -24.12 -54.10 39.71
C GLN A 542 -25.05 -53.08 40.38
N HIS A 543 -26.35 -53.26 40.12
CA HIS A 543 -27.45 -52.43 40.60
C HIS A 543 -28.53 -53.27 41.26
N PHE A 544 -29.21 -52.69 42.24
CA PHE A 544 -30.28 -53.32 43.02
C PHE A 544 -31.37 -52.27 43.25
N PHE A 545 -32.39 -52.26 42.37
CA PHE A 545 -33.46 -51.28 42.47
C PHE A 545 -34.75 -51.86 42.99
N LYS A 546 -35.60 -51.00 43.58
CA LYS A 546 -36.90 -51.34 44.14
C LYS A 546 -37.89 -51.70 43.03
N HIS A 547 -38.90 -52.54 43.36
CA HIS A 547 -39.95 -52.93 42.41
C HIS A 547 -40.76 -51.68 41.98
N GLY A 548 -41.19 -51.67 40.72
CA GLY A 548 -41.96 -50.58 40.15
C GLY A 548 -41.13 -49.36 39.78
N GLY A 549 -39.95 -49.23 40.41
CA GLY A 549 -39.02 -48.12 40.21
C GLY A 549 -38.46 -47.98 38.82
N THR A 550 -37.61 -46.96 38.61
CA THR A 550 -36.99 -46.70 37.31
C THR A 550 -35.46 -46.76 37.36
N ALA A 551 -34.85 -47.37 36.33
CA ALA A 551 -33.40 -47.53 36.27
C ALA A 551 -32.72 -46.72 35.17
N GLU A 552 -31.64 -46.04 35.52
CA GLU A 552 -30.84 -45.29 34.56
C GLU A 552 -29.51 -46.00 34.49
N LEU A 553 -29.24 -46.65 33.37
CA LEU A 553 -27.98 -47.34 33.24
C LEU A 553 -27.05 -46.48 32.38
N LYS A 554 -26.11 -45.79 33.06
CA LYS A 554 -25.15 -44.87 32.45
C LYS A 554 -24.17 -45.63 31.56
N CYS A 555 -23.95 -45.08 30.35
CA CYS A 555 -23.02 -45.61 29.35
C CYS A 555 -22.50 -44.44 28.51
N SER A 556 -21.17 -44.33 28.38
CA SER A 556 -20.54 -43.31 27.53
C SER A 556 -19.21 -43.77 26.94
N GLN A 557 -18.85 -43.18 25.78
CA GLN A 557 -17.62 -43.43 25.05
C GLN A 557 -17.14 -42.13 24.38
N LYS A 558 -15.90 -42.12 23.86
CA LYS A 558 -15.36 -40.88 23.31
C LYS A 558 -15.50 -40.62 21.81
N SER A 559 -15.79 -41.66 20.98
CA SER A 559 -15.91 -41.48 19.53
C SER A 559 -17.18 -40.77 19.07
N ASN A 560 -16.99 -39.60 18.47
CA ASN A 560 -18.03 -38.75 17.90
C ASN A 560 -18.55 -39.40 16.63
N LEU A 561 -17.85 -40.47 16.18
CA LEU A 561 -18.09 -41.22 14.96
C LEU A 561 -18.66 -42.61 15.23
N ALA A 562 -19.03 -42.87 16.47
CA ALA A 562 -19.64 -44.11 16.88
C ALA A 562 -21.03 -43.83 17.48
N ARG A 563 -21.90 -44.84 17.41
CA ARG A 563 -23.24 -44.78 17.97
C ARG A 563 -23.41 -45.95 18.88
N VAL A 564 -24.14 -45.75 19.98
CA VAL A 564 -24.35 -46.79 20.97
C VAL A 564 -25.77 -47.34 20.98
N PHE A 565 -25.87 -48.67 21.09
CA PHE A 565 -27.13 -49.38 21.19
C PHE A 565 -27.07 -50.29 22.40
N TRP A 566 -28.25 -50.61 22.94
CA TRP A 566 -28.36 -51.46 24.12
C TRP A 566 -28.77 -52.90 23.85
N LYS A 567 -28.38 -53.80 24.74
CA LYS A 567 -28.70 -55.22 24.63
C LYS A 567 -29.14 -55.76 25.96
N PHE A 568 -30.26 -56.47 25.96
CA PHE A 568 -30.78 -57.15 27.15
C PHE A 568 -31.10 -58.55 26.75
N GLN A 569 -30.75 -59.51 27.62
CA GLN A 569 -31.00 -60.94 27.39
C GLN A 569 -30.55 -61.38 25.98
N ASN A 570 -29.31 -60.98 25.62
CA ASN A 570 -28.60 -61.29 24.37
C ASN A 570 -29.23 -60.75 23.07
N GLY A 571 -30.23 -59.88 23.21
CA GLY A 571 -30.92 -59.29 22.08
C GLY A 571 -30.87 -57.78 22.09
N VAL A 572 -30.84 -57.18 20.88
CA VAL A 572 -30.78 -55.73 20.68
C VAL A 572 -32.10 -55.11 21.08
N LEU A 573 -32.09 -54.51 22.26
CA LEU A 573 -33.20 -53.85 22.90
C LEU A 573 -33.56 -52.55 22.15
N LYS A 574 -34.87 -52.26 21.97
CA LYS A 574 -35.38 -51.03 21.32
C LYS A 574 -35.89 -50.04 22.39
N ALA A 575 -35.15 -48.93 22.61
CA ALA A 575 -35.46 -47.90 23.61
C ALA A 575 -36.70 -47.04 23.27
N GLU A 576 -37.89 -47.69 23.31
CA GLU A 576 -39.21 -47.10 22.99
C GLU A 576 -40.19 -47.19 24.14
N SER A 577 -41.07 -46.17 24.24
CA SER A 577 -42.13 -46.08 25.26
C SER A 577 -43.09 -47.30 25.16
N PRO A 578 -43.64 -47.82 26.29
CA PRO A 578 -43.53 -47.31 27.66
C PRO A 578 -42.37 -47.87 28.49
N LYS A 579 -42.01 -49.16 28.30
CA LYS A 579 -40.97 -49.82 29.09
C LYS A 579 -39.58 -49.23 28.99
N TYR A 580 -39.21 -48.67 27.83
CA TYR A 580 -37.86 -48.13 27.67
C TYR A 580 -37.77 -46.69 27.20
N GLY A 581 -36.63 -46.08 27.48
CA GLY A 581 -36.33 -44.71 27.09
C GLY A 581 -34.83 -44.48 27.03
N LEU A 582 -34.41 -43.53 26.17
CA LEU A 582 -33.01 -43.17 26.05
C LEU A 582 -32.82 -41.74 26.50
N MET A 583 -31.99 -41.56 27.51
CA MET A 583 -31.72 -40.25 28.08
C MET A 583 -30.33 -39.86 27.62
N GLY A 584 -30.26 -38.79 26.82
CA GLY A 584 -29.03 -38.26 26.25
C GLY A 584 -28.42 -39.11 25.16
N ARG A 585 -29.26 -39.95 24.49
CA ARG A 585 -28.93 -40.89 23.39
C ARG A 585 -27.97 -42.06 23.74
N LYS A 586 -27.55 -42.16 25.01
CA LYS A 586 -26.58 -43.16 25.49
C LYS A 586 -26.98 -43.89 26.78
N ASN A 587 -27.82 -43.26 27.63
CA ASN A 587 -28.23 -43.82 28.92
C ASN A 587 -29.58 -44.49 28.83
N LEU A 588 -29.63 -45.77 29.17
CA LEU A 588 -30.83 -46.58 29.11
C LEU A 588 -31.72 -46.34 30.31
N LEU A 589 -33.04 -46.27 30.04
CA LEU A 589 -34.08 -46.07 31.04
C LEU A 589 -35.13 -47.14 31.01
N ILE A 590 -35.10 -48.04 32.02
CA ILE A 590 -36.11 -49.08 32.23
C ILE A 590 -37.11 -48.40 33.16
N PHE A 591 -38.37 -48.34 32.74
CA PHE A 591 -39.40 -47.59 33.47
C PHE A 591 -40.14 -48.31 34.57
N ASN A 592 -40.74 -49.47 34.28
CA ASN A 592 -41.50 -50.15 35.32
C ASN A 592 -40.87 -51.48 35.65
N LEU A 593 -40.02 -51.46 36.70
CA LEU A 593 -39.29 -52.64 37.14
C LEU A 593 -40.20 -53.69 37.74
N SER A 594 -39.99 -54.94 37.32
CA SER A 594 -40.75 -56.14 37.68
C SER A 594 -39.84 -57.35 37.50
N GLU A 595 -40.13 -58.49 38.19
CA GLU A 595 -39.36 -59.75 38.15
C GLU A 595 -38.48 -59.93 36.90
N GLY A 596 -39.13 -59.89 35.73
CA GLY A 596 -38.51 -60.09 34.42
C GLY A 596 -37.49 -59.10 33.91
N ASP A 597 -37.41 -57.90 34.52
CA ASP A 597 -36.46 -56.90 34.06
C ASP A 597 -35.02 -57.13 34.54
N SER A 598 -34.85 -57.97 35.59
CA SER A 598 -33.55 -58.36 36.17
C SER A 598 -32.62 -59.03 35.12
N GLY A 599 -31.31 -58.94 35.37
CA GLY A 599 -30.31 -59.55 34.52
C GLY A 599 -29.26 -58.61 33.98
N VAL A 600 -28.56 -59.07 32.92
CA VAL A 600 -27.49 -58.33 32.25
C VAL A 600 -27.93 -57.47 31.09
N TYR A 601 -27.57 -56.17 31.22
CA TYR A 601 -27.77 -55.09 30.27
C TYR A 601 -26.38 -54.67 29.77
N GLN A 602 -26.24 -54.61 28.45
CA GLN A 602 -24.99 -54.35 27.77
C GLN A 602 -25.15 -53.19 26.81
N CYS A 603 -24.26 -52.20 26.95
CA CYS A 603 -24.20 -51.05 26.08
C CYS A 603 -23.09 -51.32 25.07
N LEU A 604 -23.41 -51.24 23.79
CA LEU A 604 -22.46 -51.54 22.74
C LEU A 604 -22.32 -50.39 21.79
N SER A 605 -21.12 -50.23 21.24
CA SER A 605 -20.80 -49.17 20.27
C SER A 605 -20.51 -49.74 18.90
N GLU A 606 -20.85 -49.00 17.84
CA GLU A 606 -20.51 -49.41 16.48
C GLU A 606 -19.95 -48.26 15.69
N GLU A 607 -18.76 -48.47 15.12
CA GLU A 607 -18.04 -47.48 14.32
C GLU A 607 -17.43 -48.11 13.09
N ARG A 608 -17.61 -47.47 11.93
CA ARG A 608 -17.06 -47.93 10.64
C ARG A 608 -15.65 -47.36 10.52
N VAL A 609 -14.69 -48.22 10.09
CA VAL A 609 -13.30 -47.80 9.91
C VAL A 609 -12.95 -47.68 8.42
N LYS A 610 -13.14 -48.78 7.68
CA LYS A 610 -12.88 -48.83 6.26
C LYS A 610 -14.24 -49.18 5.65
N ASN A 611 -14.49 -50.48 5.47
CA ASN A 611 -15.79 -50.99 5.01
C ASN A 611 -16.42 -51.53 6.28
N LYS A 612 -15.64 -52.35 7.01
CA LYS A 612 -15.99 -53.04 8.26
C LYS A 612 -16.47 -52.15 9.42
N THR A 613 -17.29 -52.76 10.29
CA THR A 613 -17.86 -52.17 11.50
C THR A 613 -17.09 -52.77 12.69
N VAL A 614 -16.86 -51.95 13.73
CA VAL A 614 -16.17 -52.34 14.95
C VAL A 614 -17.10 -52.19 16.14
N PHE A 615 -17.62 -53.31 16.60
CA PHE A 615 -18.47 -53.33 17.77
C PHE A 615 -17.58 -53.48 19.01
N GLN A 616 -17.88 -52.71 20.06
CA GLN A 616 -17.16 -52.78 21.33
C GLN A 616 -18.16 -52.75 22.47
N VAL A 617 -17.87 -53.44 23.57
CA VAL A 617 -18.77 -53.42 24.71
C VAL A 617 -18.32 -52.24 25.57
N VAL A 618 -19.16 -51.21 25.64
CA VAL A 618 -18.86 -49.98 26.39
C VAL A 618 -19.10 -50.20 27.88
N ALA A 619 -20.34 -50.52 28.26
CA ALA A 619 -20.78 -50.77 29.63
C ALA A 619 -21.38 -52.15 29.75
N LYS A 620 -21.19 -52.77 30.93
CA LYS A 620 -21.72 -54.05 31.38
C LYS A 620 -22.49 -53.71 32.65
N HIS A 621 -23.75 -54.09 32.73
CA HIS A 621 -24.56 -53.84 33.93
C HIS A 621 -25.30 -55.10 34.40
N VAL A 622 -25.35 -55.32 35.74
CA VAL A 622 -26.08 -56.45 36.36
C VAL A 622 -27.19 -55.84 37.22
N LEU A 623 -28.41 -55.75 36.66
CA LEU A 623 -29.55 -55.14 37.34
C LEU A 623 -30.39 -56.18 38.04
N GLU A 624 -30.64 -55.96 39.35
CA GLU A 624 -31.43 -56.86 40.19
C GLU A 624 -32.61 -56.09 40.78
N VAL A 625 -33.84 -56.47 40.41
CA VAL A 625 -35.03 -55.81 40.95
C VAL A 625 -35.60 -56.49 42.22
N LYS A 626 -35.62 -55.73 43.35
CA LYS A 626 -36.08 -56.17 44.67
C LYS A 626 -37.59 -56.46 44.70
N VAL A 627 -38.04 -57.23 45.71
CA VAL A 627 -39.44 -57.59 45.90
C VAL A 627 -40.03 -56.87 47.13
N LEU B 7 17.32 52.20 -30.90
CA LEU B 7 18.47 51.58 -30.21
C LEU B 7 18.24 50.12 -29.66
N PRO B 8 17.30 49.79 -28.72
CA PRO B 8 17.21 48.38 -28.28
C PRO B 8 16.34 47.49 -29.16
N PRO B 9 16.69 46.17 -29.33
CA PRO B 9 15.83 45.27 -30.11
C PRO B 9 14.37 45.28 -29.65
N THR B 10 13.51 45.09 -30.59
CA THR B 10 12.08 45.09 -30.42
C THR B 10 11.61 43.64 -30.57
N ALA B 11 12.51 42.79 -31.14
CA ALA B 11 12.31 41.36 -31.33
C ALA B 11 13.59 40.53 -31.11
N PHE B 12 13.39 39.23 -30.79
CA PHE B 12 14.42 38.21 -30.63
C PHE B 12 13.98 36.97 -31.42
N THR B 13 14.70 36.66 -32.49
CA THR B 13 14.38 35.56 -33.39
C THR B 13 15.60 34.70 -33.52
N PRO B 14 15.77 33.71 -32.62
CA PRO B 14 16.97 32.88 -32.70
C PRO B 14 16.90 31.95 -33.91
N ASN B 15 18.02 31.78 -34.62
CA ASN B 15 18.10 30.92 -35.81
C ASN B 15 18.49 29.50 -35.45
N GLY B 16 17.91 28.56 -36.19
CA GLY B 16 18.13 27.13 -36.04
C GLY B 16 17.63 26.56 -34.74
N THR B 17 16.52 27.12 -34.20
CA THR B 17 15.91 26.64 -32.95
C THR B 17 14.47 27.06 -32.78
N TYR B 18 13.79 26.41 -31.82
CA TYR B 18 12.42 26.69 -31.38
C TYR B 18 12.43 26.98 -29.90
N LEU B 19 11.61 27.95 -29.49
CA LEU B 19 11.52 28.37 -28.11
C LEU B 19 10.51 27.57 -27.30
N GLN B 20 10.85 27.28 -26.03
CA GLN B 20 9.95 26.55 -25.16
C GLN B 20 9.55 27.41 -24.01
N HIS B 21 10.54 27.98 -23.30
CA HIS B 21 10.26 28.73 -22.07
C HIS B 21 10.90 30.09 -21.93
N LEU B 22 10.26 30.94 -21.10
CA LEU B 22 10.72 32.27 -20.75
C LEU B 22 10.62 32.43 -19.22
N ALA B 23 11.64 33.04 -18.60
CA ALA B 23 11.65 33.32 -17.16
C ALA B 23 12.27 34.71 -16.94
N ARG B 24 11.57 35.59 -16.20
CA ARG B 24 12.07 36.95 -15.91
C ARG B 24 12.65 37.02 -14.47
N ASP B 25 13.81 37.67 -14.32
CA ASP B 25 14.43 37.85 -13.01
C ASP B 25 13.85 39.15 -12.43
N PRO B 26 13.01 39.02 -11.36
CA PRO B 26 12.38 40.21 -10.74
C PRO B 26 13.39 41.26 -10.33
N THR B 27 14.55 40.80 -9.84
CA THR B 27 15.66 41.60 -9.37
C THR B 27 16.22 42.52 -10.41
N SER B 28 16.91 41.95 -11.42
CA SER B 28 17.61 42.66 -12.48
C SER B 28 16.83 42.94 -13.75
N GLY B 29 15.70 42.26 -13.95
CA GLY B 29 14.91 42.41 -15.17
C GLY B 29 15.31 41.44 -16.28
N THR B 30 16.39 40.69 -16.06
CA THR B 30 16.97 39.72 -16.98
C THR B 30 16.02 38.61 -17.35
N LEU B 31 15.97 38.34 -18.67
CA LEU B 31 15.16 37.26 -19.22
C LEU B 31 16.08 36.10 -19.60
N TYR B 32 15.55 34.90 -19.45
CA TYR B 32 16.23 33.66 -19.80
C TYR B 32 15.27 32.92 -20.72
N LEU B 33 15.82 32.25 -21.73
CA LEU B 33 15.02 31.57 -22.72
C LEU B 33 15.46 30.14 -22.87
N GLY B 34 14.47 29.25 -22.77
CA GLY B 34 14.66 27.82 -22.93
C GLY B 34 14.30 27.41 -24.35
N ALA B 35 15.31 27.02 -25.11
CA ALA B 35 15.16 26.64 -26.50
C ALA B 35 15.77 25.27 -26.79
N THR B 36 15.44 24.69 -27.98
CA THR B 36 15.94 23.39 -28.43
C THR B 36 17.46 23.48 -28.60
N ASN B 37 18.22 22.81 -27.67
CA ASN B 37 19.68 22.75 -27.61
C ASN B 37 20.37 24.09 -27.28
N PHE B 38 19.60 25.10 -26.78
CA PHE B 38 20.08 26.43 -26.43
C PHE B 38 19.40 27.07 -25.24
N LEU B 39 20.17 27.92 -24.53
CA LEU B 39 19.76 28.76 -23.41
C LEU B 39 20.25 30.14 -23.72
N PHE B 40 19.38 31.12 -23.59
CA PHE B 40 19.76 32.49 -23.88
C PHE B 40 19.56 33.42 -22.71
N GLN B 41 20.43 34.40 -22.57
CA GLN B 41 20.30 35.42 -21.56
C GLN B 41 20.16 36.70 -22.31
N LEU B 42 19.05 37.41 -22.06
CA LEU B 42 18.74 38.69 -22.69
C LEU B 42 18.61 39.76 -21.63
N SER B 43 18.90 40.99 -22.04
CA SER B 43 18.73 42.18 -21.21
C SER B 43 17.20 42.48 -21.16
N PRO B 44 16.69 43.41 -20.29
CA PRO B 44 15.24 43.69 -20.30
C PRO B 44 14.84 44.35 -21.61
N GLY B 45 15.83 44.82 -22.34
CA GLY B 45 15.65 45.44 -23.64
C GLY B 45 15.89 44.46 -24.78
N LEU B 46 15.81 43.15 -24.47
CA LEU B 46 15.96 42.08 -25.45
C LEU B 46 17.39 41.93 -26.07
N GLN B 47 18.39 42.62 -25.51
CA GLN B 47 19.76 42.52 -26.02
C GLN B 47 20.33 41.17 -25.63
N LEU B 48 20.80 40.39 -26.61
CA LEU B 48 21.39 39.07 -26.33
C LEU B 48 22.68 39.27 -25.51
N GLU B 49 22.76 38.63 -24.35
CA GLU B 49 23.89 38.74 -23.42
C GLU B 49 24.70 37.44 -23.34
N ALA B 50 24.03 36.27 -23.37
CA ALA B 50 24.74 34.99 -23.30
C ALA B 50 23.99 33.88 -23.95
N THR B 51 24.74 32.91 -24.48
CA THR B 51 24.23 31.71 -25.15
C THR B 51 24.95 30.47 -24.65
N VAL B 52 24.18 29.42 -24.27
CA VAL B 52 24.70 28.14 -23.77
C VAL B 52 24.14 27.00 -24.59
N SER B 53 25.01 26.08 -25.04
CA SER B 53 24.50 24.91 -25.75
C SER B 53 24.02 23.85 -24.75
N THR B 54 22.86 23.21 -25.06
CA THR B 54 22.23 22.16 -24.25
C THR B 54 22.13 20.78 -24.96
N GLY B 55 22.45 20.74 -26.26
CA GLY B 55 22.45 19.52 -27.06
C GLY B 55 22.73 19.71 -28.54
N PRO B 56 22.54 18.68 -29.40
CA PRO B 56 22.09 17.31 -29.11
C PRO B 56 23.05 16.51 -28.23
N VAL B 57 22.53 15.43 -27.62
CA VAL B 57 23.27 14.53 -26.74
C VAL B 57 22.98 13.07 -27.16
N LEU B 58 23.89 12.12 -26.82
CA LEU B 58 23.59 10.72 -27.10
C LEU B 58 22.66 10.34 -25.99
N ASP B 59 21.44 9.95 -26.37
CA ASP B 59 20.39 9.66 -25.40
C ASP B 59 19.42 8.60 -25.92
N SER B 60 18.62 8.08 -24.97
CA SER B 60 17.58 7.09 -25.13
C SER B 60 16.77 7.17 -23.85
N ARG B 61 15.42 7.24 -23.99
CA ARG B 61 14.51 7.34 -22.83
C ARG B 61 14.59 6.08 -22.00
N ASP B 62 15.01 4.98 -22.62
CA ASP B 62 15.19 3.69 -21.96
C ASP B 62 16.45 3.65 -21.06
N CYS B 63 17.42 4.53 -21.31
CA CYS B 63 18.68 4.58 -20.58
C CYS B 63 18.73 5.70 -19.53
N LEU B 64 19.58 5.48 -18.52
CA LEU B 64 19.81 6.36 -17.38
C LEU B 64 21.07 7.20 -17.52
N PRO B 65 21.05 8.49 -17.13
CA PRO B 65 22.27 9.31 -17.19
C PRO B 65 23.29 8.89 -16.09
N PRO B 66 24.62 8.95 -16.38
CA PRO B 66 25.30 9.34 -17.65
C PRO B 66 25.13 8.26 -18.70
N VAL B 67 24.65 8.66 -19.90
CA VAL B 67 24.41 7.74 -21.01
C VAL B 67 25.69 7.13 -21.56
N MET B 68 25.98 5.90 -21.16
CA MET B 68 27.19 5.23 -21.60
C MET B 68 26.96 4.39 -22.84
N PRO B 69 27.75 4.59 -23.93
CA PRO B 69 27.53 3.80 -25.17
C PRO B 69 27.58 2.28 -25.00
N ASP B 70 28.47 1.80 -24.12
CA ASP B 70 28.63 0.38 -23.85
C ASP B 70 27.43 -0.22 -23.12
N GLU B 71 26.69 0.60 -22.35
CA GLU B 71 25.53 0.17 -21.59
C GLU B 71 24.22 0.54 -22.26
N CYS B 72 24.29 1.49 -23.20
CA CYS B 72 23.15 1.99 -23.95
C CYS B 72 23.50 2.05 -25.47
N PRO B 73 23.57 0.86 -26.15
CA PRO B 73 23.95 0.86 -27.57
C PRO B 73 22.91 1.50 -28.48
N GLN B 74 21.66 1.62 -28.00
CA GLN B 74 20.58 2.26 -28.75
C GLN B 74 20.61 3.79 -28.60
N ALA B 75 21.62 4.35 -27.90
CA ALA B 75 21.77 5.80 -27.76
C ALA B 75 21.99 6.36 -29.15
N GLN B 76 21.23 7.40 -29.47
CA GLN B 76 21.25 8.08 -30.76
C GLN B 76 21.24 9.59 -30.44
N PRO B 77 21.80 10.48 -31.32
CA PRO B 77 21.71 11.92 -31.03
C PRO B 77 20.26 12.37 -30.87
N THR B 78 20.00 13.10 -29.79
CA THR B 78 18.68 13.56 -29.39
C THR B 78 18.67 15.09 -29.19
N ASN B 79 17.65 15.81 -29.69
CA ASN B 79 17.60 17.26 -29.40
C ASN B 79 17.09 17.54 -27.97
N ASN B 80 17.42 18.72 -27.43
CA ASN B 80 17.04 19.05 -26.06
C ASN B 80 16.15 20.27 -25.84
N PRO B 81 14.83 20.10 -26.12
CA PRO B 81 13.87 21.16 -25.81
C PRO B 81 13.84 21.35 -24.30
N ASN B 82 13.76 22.64 -23.86
CA ASN B 82 13.74 23.01 -22.45
C ASN B 82 12.46 22.60 -21.84
N GLN B 83 12.57 21.87 -20.76
CA GLN B 83 11.40 21.41 -20.08
C GLN B 83 10.95 22.38 -18.96
N LEU B 84 11.90 22.91 -18.17
CA LEU B 84 11.65 23.83 -17.05
C LEU B 84 12.75 24.90 -16.93
N LEU B 85 12.34 26.15 -16.72
CA LEU B 85 13.29 27.27 -16.62
C LEU B 85 12.78 28.26 -15.61
N LEU B 86 13.29 28.21 -14.36
CA LEU B 86 12.82 29.09 -13.28
C LEU B 86 13.96 29.72 -12.55
N VAL B 87 13.80 31.01 -12.22
CA VAL B 87 14.72 31.84 -11.44
C VAL B 87 14.42 31.65 -9.95
N SER B 88 15.45 31.25 -9.17
CA SER B 88 15.40 31.07 -7.72
C SER B 88 16.31 32.20 -7.10
N PRO B 89 16.25 32.55 -5.78
CA PRO B 89 17.14 33.61 -5.28
C PRO B 89 18.61 33.38 -5.66
N GLY B 90 19.08 32.16 -5.47
CA GLY B 90 20.47 31.79 -5.76
C GLY B 90 20.81 31.51 -7.21
N ALA B 91 20.04 30.62 -7.85
CA ALA B 91 20.35 30.22 -9.21
C ALA B 91 19.22 30.25 -10.23
N LEU B 92 19.60 29.99 -11.48
CA LEU B 92 18.67 29.77 -12.55
C LEU B 92 18.55 28.24 -12.56
N VAL B 93 17.31 27.74 -12.48
CA VAL B 93 16.97 26.30 -12.47
C VAL B 93 16.65 25.90 -13.91
N VAL B 94 17.43 24.91 -14.46
CA VAL B 94 17.32 24.43 -15.85
C VAL B 94 17.08 22.90 -15.95
N CYS B 95 15.88 22.48 -16.49
CA CYS B 95 15.53 21.08 -16.70
C CYS B 95 15.19 20.85 -18.15
N GLY B 96 15.84 19.86 -18.76
CA GLY B 96 15.67 19.53 -20.17
C GLY B 96 14.77 18.34 -20.46
N SER B 97 14.55 18.08 -21.74
CA SER B 97 13.69 16.97 -22.14
C SER B 97 14.49 15.67 -22.12
N VAL B 98 15.80 15.83 -22.25
CA VAL B 98 16.84 14.83 -22.39
C VAL B 98 17.29 14.34 -21.01
N HIS B 99 18.09 13.26 -20.99
CA HIS B 99 18.69 12.64 -19.81
C HIS B 99 17.74 12.53 -18.60
N GLN B 100 16.57 11.90 -18.81
CA GLN B 100 15.58 11.65 -17.77
C GLN B 100 14.98 12.86 -17.03
N GLY B 101 15.17 14.06 -17.57
CA GLY B 101 14.63 15.28 -16.99
C GLY B 101 15.44 15.80 -15.81
N VAL B 102 16.72 15.53 -15.84
CA VAL B 102 17.72 15.98 -14.87
C VAL B 102 17.81 17.53 -14.91
N CYS B 103 18.23 18.18 -13.81
CA CYS B 103 18.28 19.64 -13.75
C CYS B 103 19.66 20.15 -13.40
N GLU B 104 19.80 21.46 -13.49
CA GLU B 104 21.04 22.11 -13.13
C GLU B 104 20.75 23.51 -12.65
N GLN B 105 21.78 24.12 -12.08
CA GLN B 105 21.73 25.45 -11.55
C GLN B 105 22.83 26.23 -12.17
N ARG B 106 22.44 27.38 -12.74
CA ARG B 106 23.37 28.34 -13.33
C ARG B 106 23.35 29.69 -12.56
N ARG B 107 24.47 30.39 -12.60
CA ARG B 107 24.58 31.71 -11.97
C ARG B 107 23.60 32.66 -12.63
N LEU B 108 22.86 33.46 -11.85
CA LEU B 108 21.98 34.47 -12.45
C LEU B 108 22.92 35.59 -12.95
N GLY B 109 22.71 36.02 -14.21
CA GLY B 109 23.53 37.04 -14.85
C GLY B 109 24.76 36.51 -15.53
N GLN B 110 25.19 35.32 -15.13
CA GLN B 110 26.33 34.64 -15.73
C GLN B 110 25.87 33.23 -16.07
N LEU B 111 24.94 33.15 -17.04
CA LEU B 111 24.30 31.95 -17.61
C LEU B 111 25.33 30.86 -18.00
N GLU B 112 26.46 31.28 -18.49
CA GLU B 112 27.59 30.45 -18.85
C GLU B 112 28.08 29.66 -17.60
N GLN B 113 28.10 30.30 -16.37
CA GLN B 113 28.55 29.73 -15.08
C GLN B 113 27.62 28.74 -14.45
N LEU B 114 28.08 27.51 -14.40
CA LEU B 114 27.33 26.41 -13.84
C LEU B 114 27.62 26.36 -12.36
N LEU B 115 26.58 26.23 -11.54
CA LEU B 115 26.76 26.18 -10.10
C LEU B 115 26.65 24.76 -9.62
N LEU B 116 25.62 24.10 -10.10
CA LEU B 116 25.36 22.75 -9.71
C LEU B 116 24.70 21.99 -10.83
N ARG B 117 25.25 20.81 -11.12
CA ARG B 117 24.86 19.83 -12.12
C ARG B 117 25.38 18.49 -11.56
N PRO B 118 24.52 17.77 -10.79
CA PRO B 118 24.98 16.50 -10.18
C PRO B 118 25.72 15.53 -11.11
N GLU B 119 26.99 15.19 -10.76
CA GLU B 119 27.89 14.33 -11.55
C GLU B 119 27.28 12.99 -11.88
N ARG B 120 26.80 12.26 -10.85
CA ARG B 120 26.18 10.95 -11.04
C ARG B 120 24.78 10.84 -10.37
N PRO B 121 23.74 11.41 -11.02
CA PRO B 121 22.39 11.38 -10.45
C PRO B 121 21.64 10.04 -10.47
N GLY B 122 20.72 9.93 -9.53
CA GLY B 122 19.87 8.76 -9.34
C GLY B 122 18.40 9.02 -9.69
N ASP B 123 17.60 7.93 -9.69
CA ASP B 123 16.18 8.00 -10.02
C ASP B 123 15.43 9.08 -9.28
N THR B 124 15.83 9.36 -8.03
CA THR B 124 15.16 10.41 -7.24
C THR B 124 15.39 11.89 -7.71
N GLN B 125 16.32 12.08 -8.66
CA GLN B 125 16.69 13.36 -9.22
C GLN B 125 16.21 13.56 -10.68
N TYR B 126 15.40 12.60 -11.22
CA TYR B 126 14.85 12.73 -12.58
C TYR B 126 13.63 13.63 -12.39
N VAL B 127 13.79 14.91 -12.68
CA VAL B 127 12.79 15.91 -12.35
C VAL B 127 11.66 16.13 -13.31
N ALA B 128 12.00 16.55 -14.52
CA ALA B 128 11.07 16.96 -15.55
C ALA B 128 10.68 15.80 -16.47
N ALA B 129 9.63 16.04 -17.28
CA ALA B 129 9.13 15.12 -18.28
C ALA B 129 10.26 14.84 -19.31
N ASN B 130 10.68 13.57 -19.47
CA ASN B 130 11.76 13.24 -20.42
C ASN B 130 11.26 13.16 -21.86
N ASP B 131 10.27 13.95 -22.19
CA ASP B 131 9.71 13.96 -23.52
C ASP B 131 9.27 15.36 -23.71
N PRO B 132 9.56 16.05 -24.86
CA PRO B 132 8.91 17.35 -25.10
C PRO B 132 7.46 16.90 -25.31
N ALA B 133 6.61 17.52 -26.12
CA ALA B 133 5.26 16.85 -26.27
C ALA B 133 4.51 16.58 -24.94
N VAL B 134 5.21 16.68 -23.78
CA VAL B 134 4.71 16.53 -22.42
C VAL B 134 5.29 17.69 -21.61
N SER B 135 4.40 18.50 -20.96
CA SER B 135 4.69 19.65 -20.10
C SER B 135 5.09 19.23 -18.69
N THR B 136 5.90 20.10 -18.04
CA THR B 136 6.42 20.10 -16.68
C THR B 136 6.13 21.52 -16.13
N VAL B 137 5.63 21.61 -14.89
CA VAL B 137 5.41 22.91 -14.26
C VAL B 137 6.27 23.03 -12.96
N GLY B 138 6.66 24.25 -12.62
CA GLY B 138 7.50 24.49 -11.47
C GLY B 138 7.10 25.71 -10.66
N LEU B 139 7.50 25.71 -9.37
CA LEU B 139 7.21 26.78 -8.45
C LEU B 139 8.30 26.80 -7.39
N VAL B 140 8.99 27.93 -7.34
CA VAL B 140 10.07 28.12 -6.39
C VAL B 140 9.48 28.72 -5.12
N ALA B 141 9.69 28.05 -3.99
CA ALA B 141 9.15 28.50 -2.73
C ALA B 141 10.21 28.45 -1.62
N GLN B 142 9.80 28.66 -0.38
CA GLN B 142 10.71 28.59 0.74
C GLN B 142 10.20 27.61 1.72
N GLY B 143 11.13 27.01 2.46
CA GLY B 143 10.86 26.08 3.54
C GLY B 143 10.65 26.88 4.80
N LEU B 144 10.56 26.19 5.94
CA LEU B 144 10.35 26.91 7.20
C LEU B 144 11.55 27.68 7.61
N ALA B 145 12.75 27.27 7.15
CA ALA B 145 14.03 27.92 7.48
C ALA B 145 14.49 28.93 6.42
N GLY B 146 13.65 29.18 5.42
CA GLY B 146 13.93 30.09 4.31
C GLY B 146 14.58 29.38 3.14
N GLU B 147 14.94 28.09 3.30
CA GLU B 147 15.62 27.27 2.30
C GLU B 147 14.84 27.19 0.98
N PRO B 148 15.52 27.10 -0.19
CA PRO B 148 14.78 27.09 -1.46
C PRO B 148 14.26 25.72 -1.89
N LEU B 149 12.94 25.66 -2.12
CA LEU B 149 12.23 24.45 -2.55
C LEU B 149 11.62 24.63 -3.93
N LEU B 150 11.55 23.52 -4.66
CA LEU B 150 10.96 23.52 -5.98
C LEU B 150 9.88 22.46 -6.03
N PHE B 151 8.68 22.96 -6.33
CA PHE B 151 7.46 22.18 -6.49
C PHE B 151 7.36 21.82 -7.97
N VAL B 152 7.21 20.50 -8.25
CA VAL B 152 7.16 20.06 -9.64
C VAL B 152 5.87 19.37 -10.04
N GLY B 153 5.32 19.81 -11.16
CA GLY B 153 4.17 19.21 -11.81
C GLY B 153 4.67 18.52 -13.07
N ARG B 154 5.08 17.25 -12.95
CA ARG B 154 5.55 16.46 -14.07
C ARG B 154 4.37 15.68 -14.63
N GLY B 155 4.02 15.97 -15.88
CA GLY B 155 2.95 15.26 -16.56
C GLY B 155 3.42 13.85 -16.85
N TYR B 156 2.48 12.92 -16.96
CA TYR B 156 2.73 11.51 -17.25
C TYR B 156 3.40 11.31 -18.63
N THR B 157 4.50 10.53 -18.65
CA THR B 157 5.26 10.16 -19.85
C THR B 157 5.27 8.63 -19.92
N SER B 158 4.82 8.03 -21.05
CA SER B 158 4.73 6.57 -21.29
C SER B 158 5.81 5.68 -20.63
N GLY B 162 12.54 4.46 -17.37
CA GLY B 162 11.11 4.48 -17.13
C GLY B 162 10.66 5.66 -16.28
N GLY B 163 9.53 6.25 -16.69
CA GLY B 163 8.85 7.37 -16.02
C GLY B 163 7.63 6.94 -15.24
N GLY B 164 7.87 6.56 -13.98
CA GLY B 164 6.86 6.22 -12.98
C GLY B 164 7.03 7.20 -11.82
N ILE B 165 7.52 8.42 -12.14
CA ILE B 165 7.84 9.51 -11.22
C ILE B 165 6.55 10.18 -10.71
N PRO B 166 6.43 10.47 -9.37
CA PRO B 166 5.20 11.09 -8.85
C PRO B 166 4.79 12.36 -9.59
N PRO B 167 3.47 12.52 -9.89
CA PRO B 167 3.01 13.70 -10.62
C PRO B 167 3.31 15.07 -10.00
N ILE B 168 3.34 15.16 -8.64
CA ILE B 168 3.66 16.38 -7.88
C ILE B 168 4.69 16.05 -6.78
N THR B 169 5.78 16.85 -6.72
CA THR B 169 6.86 16.67 -5.73
C THR B 169 7.40 18.01 -5.22
N THR B 170 8.06 17.97 -4.03
CA THR B 170 8.76 19.09 -3.38
C THR B 170 10.22 18.65 -3.27
N ARG B 171 11.06 19.21 -4.14
CA ARG B 171 12.47 18.84 -4.23
C ARG B 171 13.35 19.99 -3.70
N ALA B 172 14.38 19.67 -2.89
CA ALA B 172 15.29 20.69 -2.38
C ALA B 172 16.24 21.20 -3.48
N LEU B 173 16.35 22.52 -3.57
CA LEU B 173 17.20 23.12 -4.57
C LEU B 173 18.62 23.23 -4.08
N TRP B 174 18.82 23.38 -2.76
CA TRP B 174 20.15 23.51 -2.18
C TRP B 174 20.21 22.89 -0.77
N PRO B 175 20.41 21.55 -0.67
CA PRO B 175 20.40 20.89 0.66
C PRO B 175 21.77 20.79 1.35
N PRO B 176 21.88 20.21 2.57
CA PRO B 176 23.21 20.07 3.20
C PRO B 176 24.26 19.48 2.25
N ASP B 177 23.99 18.33 1.60
CA ASP B 177 24.87 17.79 0.56
C ASP B 177 24.37 18.37 -0.78
N PRO B 178 25.15 19.30 -1.44
CA PRO B 178 24.68 19.89 -2.69
C PRO B 178 24.57 18.86 -3.82
N GLN B 179 25.28 17.73 -3.69
CA GLN B 179 25.20 16.61 -4.63
C GLN B 179 23.82 15.86 -4.56
N ALA B 180 23.00 16.15 -3.51
CA ALA B 180 21.66 15.58 -3.28
C ALA B 180 20.52 16.56 -3.65
N ALA B 181 20.83 17.63 -4.42
CA ALA B 181 19.84 18.61 -4.85
C ALA B 181 18.87 17.99 -5.86
N PHE B 182 17.66 18.60 -5.98
CA PHE B 182 16.57 18.18 -6.88
C PHE B 182 15.86 16.89 -6.46
N SER B 183 16.21 16.40 -5.27
CA SER B 183 15.66 15.21 -4.67
C SER B 183 14.58 15.59 -3.69
N TYR B 184 13.49 14.81 -3.66
CA TYR B 184 12.40 14.96 -2.71
C TYR B 184 12.66 13.93 -1.57
N GLU B 185 12.17 14.20 -0.35
CA GLU B 185 12.46 13.32 0.79
C GLU B 185 11.63 12.01 0.90
N GLU B 186 11.23 11.40 -0.25
CA GLU B 186 10.49 10.11 -0.28
C GLU B 186 9.06 10.29 0.24
N THR B 187 8.89 11.29 1.12
CA THR B 187 7.66 11.68 1.78
C THR B 187 6.96 12.85 1.06
N ALA B 188 7.75 13.82 0.56
CA ALA B 188 7.30 15.04 -0.12
C ALA B 188 6.84 14.80 -1.57
N LYS B 189 5.82 13.95 -1.75
CA LYS B 189 5.28 13.63 -3.06
C LYS B 189 3.84 13.23 -2.98
N LEU B 190 3.17 13.26 -4.14
CA LEU B 190 1.81 12.83 -4.30
C LEU B 190 1.95 11.47 -4.95
N ALA B 191 1.82 10.42 -4.12
CA ALA B 191 1.84 9.03 -4.56
C ALA B 191 0.49 8.69 -5.22
N VAL B 192 0.53 8.39 -6.51
CA VAL B 192 -0.61 7.99 -7.31
C VAL B 192 -0.22 6.59 -7.83
N GLY B 193 -1.10 5.62 -7.61
CA GLY B 193 -0.81 4.24 -7.97
C GLY B 193 -0.95 3.82 -9.44
N ARG B 194 -1.68 4.62 -10.28
CA ARG B 194 -1.95 4.26 -11.66
C ARG B 194 -1.86 5.47 -12.58
N LEU B 195 -0.66 6.08 -12.62
CA LEU B 195 -0.35 7.26 -13.44
C LEU B 195 -0.74 7.17 -14.90
N SER B 196 -0.64 5.97 -15.54
CA SER B 196 -1.01 5.78 -16.95
C SER B 196 -2.50 6.05 -17.19
N GLU B 197 -3.32 5.69 -16.19
CA GLU B 197 -4.77 5.81 -16.18
C GLU B 197 -5.21 7.26 -15.93
N TYR B 198 -4.59 7.95 -14.96
CA TYR B 198 -4.94 9.32 -14.65
C TYR B 198 -4.43 10.28 -15.71
N SER B 199 -3.24 9.96 -16.29
CA SER B 199 -2.56 10.70 -17.38
C SER B 199 -2.56 12.23 -17.15
N HIS B 200 -1.77 12.70 -16.18
CA HIS B 200 -1.72 14.14 -15.86
C HIS B 200 -1.16 14.98 -17.00
N HIS B 201 -1.77 16.16 -17.19
CA HIS B 201 -1.34 17.14 -18.15
C HIS B 201 -1.27 18.45 -17.35
N PHE B 202 -0.04 18.87 -16.95
CA PHE B 202 0.10 20.11 -16.20
C PHE B 202 0.04 21.38 -17.06
N VAL B 203 -0.60 22.42 -16.49
CA VAL B 203 -0.77 23.72 -17.13
C VAL B 203 0.03 24.80 -16.36
N SER B 204 -0.26 24.99 -15.07
CA SER B 204 0.45 25.98 -14.28
C SER B 204 0.56 25.56 -12.84
N ALA B 205 1.57 26.11 -12.14
CA ALA B 205 1.80 25.94 -10.68
C ALA B 205 2.06 27.33 -10.18
N PHE B 206 1.50 27.67 -9.01
CA PHE B 206 1.62 29.01 -8.42
C PHE B 206 1.36 29.03 -6.94
N ALA B 207 1.79 30.10 -6.27
CA ALA B 207 1.56 30.23 -4.85
C ALA B 207 0.75 31.46 -4.44
N ARG B 208 0.12 31.36 -3.27
CA ARG B 208 -0.62 32.38 -2.57
C ARG B 208 -0.62 32.00 -1.11
N GLY B 209 -0.21 32.95 -0.28
CA GLY B 209 -0.16 32.75 1.15
C GLY B 209 0.75 31.59 1.49
N ALA B 210 0.26 30.72 2.37
CA ALA B 210 1.01 29.57 2.84
C ALA B 210 0.69 28.31 2.04
N SER B 211 0.35 28.50 0.73
CA SER B 211 -0.05 27.41 -0.18
C SER B 211 0.48 27.49 -1.61
N ALA B 212 0.80 26.29 -2.17
CA ALA B 212 1.19 26.04 -3.56
C ALA B 212 -0.09 25.46 -4.24
N TYR B 213 -0.39 25.94 -5.45
CA TYR B 213 -1.59 25.54 -6.19
C TYR B 213 -1.18 25.02 -7.56
N PHE B 214 -1.94 24.04 -8.10
CA PHE B 214 -1.62 23.42 -9.39
C PHE B 214 -2.84 23.36 -10.28
N LEU B 215 -2.67 23.71 -11.55
CA LEU B 215 -3.72 23.67 -12.55
C LEU B 215 -3.31 22.62 -13.55
N PHE B 216 -4.23 21.64 -13.80
CA PHE B 216 -3.94 20.49 -14.66
C PHE B 216 -5.18 19.76 -15.16
N LEU B 217 -4.99 18.91 -16.20
CA LEU B 217 -6.02 18.02 -16.70
C LEU B 217 -5.58 16.63 -16.29
N ARG B 218 -6.58 15.78 -16.05
CA ARG B 218 -6.45 14.37 -15.73
C ARG B 218 -7.78 13.71 -15.98
N ARG B 219 -7.79 12.39 -16.15
CA ARG B 219 -9.00 11.63 -16.40
C ARG B 219 -9.77 11.53 -15.08
N ASP B 220 -11.07 11.85 -15.10
CA ASP B 220 -11.94 11.76 -13.93
C ASP B 220 -12.43 10.32 -13.87
N LEU B 221 -11.67 9.48 -13.16
CA LEU B 221 -11.95 8.04 -13.03
C LEU B 221 -13.12 7.72 -12.10
N GLN B 222 -13.64 8.75 -11.39
CA GLN B 222 -14.84 8.62 -10.58
C GLN B 222 -16.08 8.56 -11.53
N ALA B 223 -15.96 9.16 -12.72
CA ALA B 223 -16.98 9.16 -13.73
C ALA B 223 -16.83 7.90 -14.56
N GLN B 224 -17.98 7.30 -15.00
CA GLN B 224 -17.99 6.12 -15.88
C GLN B 224 -17.34 6.54 -17.24
N SER B 225 -17.48 7.83 -17.60
CA SER B 225 -16.94 8.39 -18.82
C SER B 225 -15.41 8.35 -18.86
N ARG B 226 -14.75 8.38 -17.67
CA ARG B 226 -13.29 8.43 -17.51
C ARG B 226 -12.64 9.52 -18.42
N ALA B 227 -13.43 10.58 -18.72
CA ALA B 227 -13.06 11.71 -19.56
C ALA B 227 -12.10 12.62 -18.85
N PHE B 228 -11.26 13.34 -19.62
CA PHE B 228 -10.31 14.29 -19.04
C PHE B 228 -11.05 15.50 -18.46
N ARG B 229 -10.64 15.96 -17.28
CA ARG B 229 -11.28 17.06 -16.54
C ARG B 229 -10.21 18.06 -16.02
N ALA B 230 -10.61 19.36 -15.95
CA ALA B 230 -9.77 20.41 -15.39
C ALA B 230 -9.86 20.41 -13.87
N TYR B 231 -8.73 20.59 -13.22
CA TYR B 231 -8.66 20.57 -11.76
C TYR B 231 -7.76 21.65 -11.24
N VAL B 232 -8.07 22.11 -10.03
CA VAL B 232 -7.19 22.95 -9.23
C VAL B 232 -6.75 22.11 -8.03
N SER B 233 -5.47 22.20 -7.69
CA SER B 233 -4.88 21.41 -6.59
C SER B 233 -4.22 22.31 -5.57
N ARG B 234 -4.27 21.95 -4.27
CA ARG B 234 -3.67 22.79 -3.21
C ARG B 234 -2.95 22.00 -2.08
N VAL B 235 -1.69 22.37 -1.79
CA VAL B 235 -0.86 21.80 -0.71
C VAL B 235 -0.19 22.95 0.11
N CYS B 236 -0.10 22.77 1.44
CA CYS B 236 0.57 23.71 2.33
C CYS B 236 2.05 23.80 1.95
N LEU B 237 2.63 24.99 2.03
CA LEU B 237 4.02 25.15 1.64
C LEU B 237 4.97 24.38 2.56
N ARG B 238 4.59 24.23 3.85
CA ARG B 238 5.35 23.50 4.88
C ARG B 238 5.13 21.99 4.90
N ASP B 239 3.96 21.51 4.42
CA ASP B 239 3.57 20.09 4.38
C ASP B 239 4.51 19.19 3.56
N GLN B 240 5.39 18.46 4.26
CA GLN B 240 6.38 17.58 3.61
C GLN B 240 5.95 16.13 3.43
N HIS B 241 4.66 15.84 3.61
CA HIS B 241 4.16 14.47 3.43
C HIS B 241 2.94 14.45 2.49
N TYR B 242 2.54 15.68 2.03
CA TYR B 242 1.41 15.96 1.15
C TYR B 242 0.07 15.63 1.81
N TYR B 243 0.05 15.71 3.16
CA TYR B 243 -1.11 15.43 4.03
C TYR B 243 -2.26 16.35 3.71
N SER B 244 -1.95 17.66 3.50
CA SER B 244 -2.85 18.78 3.25
C SER B 244 -3.32 18.86 1.80
N TYR B 245 -2.77 17.99 0.93
CA TYR B 245 -3.13 17.93 -0.48
C TYR B 245 -4.63 17.69 -0.67
N VAL B 246 -5.30 18.57 -1.47
CA VAL B 246 -6.72 18.54 -1.83
C VAL B 246 -6.96 18.99 -3.30
N GLU B 247 -7.85 18.29 -4.03
CA GLU B 247 -8.21 18.56 -5.43
C GLU B 247 -9.61 19.06 -5.61
N LEU B 248 -9.78 20.06 -6.47
CA LEU B 248 -11.11 20.55 -6.77
C LEU B 248 -11.35 20.50 -8.26
N PRO B 249 -12.48 19.95 -8.76
CA PRO B 249 -12.74 20.06 -10.20
C PRO B 249 -13.09 21.52 -10.54
N LEU B 250 -12.63 21.96 -11.72
CA LEU B 250 -12.91 23.28 -12.26
C LEU B 250 -14.05 23.16 -13.27
N ALA B 251 -14.95 24.14 -13.32
CA ALA B 251 -16.08 24.14 -14.25
C ALA B 251 -16.21 25.51 -14.86
N CYS B 252 -16.33 25.55 -16.20
CA CYS B 252 -16.47 26.77 -17.02
C CYS B 252 -17.14 26.41 -18.36
N GLU B 253 -18.43 26.51 -18.53
CA GLU B 253 -19.48 26.74 -17.58
C GLU B 253 -20.10 25.36 -17.61
N GLY B 254 -20.16 24.71 -16.45
CA GLY B 254 -20.63 23.33 -16.33
C GLY B 254 -19.96 22.37 -17.29
N GLY B 255 -18.66 22.59 -17.51
CA GLY B 255 -17.81 21.79 -18.38
C GLY B 255 -18.00 21.91 -19.89
N ARG B 256 -18.69 22.98 -20.39
CA ARG B 256 -18.89 23.23 -21.84
C ARG B 256 -17.55 23.45 -22.56
N TYR B 257 -16.56 24.03 -21.80
CA TYR B 257 -15.17 24.29 -22.18
C TYR B 257 -14.38 23.53 -21.13
N GLY B 258 -14.28 22.23 -21.37
CA GLY B 258 -13.68 21.27 -20.43
C GLY B 258 -12.18 21.32 -20.26
N LEU B 259 -11.46 21.79 -21.28
CA LEU B 259 -10.02 21.76 -21.24
C LEU B 259 -9.34 23.10 -20.88
N ILE B 260 -8.70 23.14 -19.72
CA ILE B 260 -7.94 24.29 -19.26
C ILE B 260 -6.64 24.41 -20.07
N GLN B 261 -6.30 25.65 -20.51
CA GLN B 261 -5.13 25.89 -21.38
C GLN B 261 -4.05 26.73 -20.78
N ALA B 262 -4.45 27.73 -20.04
CA ALA B 262 -3.58 28.75 -19.48
C ALA B 262 -4.34 29.45 -18.39
N ALA B 263 -3.61 30.09 -17.49
CA ALA B 263 -4.13 30.89 -16.40
C ALA B 263 -3.09 31.88 -15.86
N ALA B 264 -3.56 32.96 -15.26
CA ALA B 264 -2.72 34.00 -14.69
C ALA B 264 -3.50 34.72 -13.62
N VAL B 265 -2.79 35.35 -12.69
CA VAL B 265 -3.40 36.14 -11.62
C VAL B 265 -3.21 37.66 -11.95
N ALA B 266 -4.06 38.56 -11.42
CA ALA B 266 -3.96 40.01 -11.68
C ALA B 266 -2.63 40.59 -11.15
N THR B 267 -1.89 41.36 -11.99
CA THR B 267 -0.56 41.88 -11.63
C THR B 267 -0.35 43.34 -12.02
N SER B 268 0.17 44.19 -11.09
CA SER B 268 0.47 45.62 -11.25
C SER B 268 1.19 46.18 -10.03
N ALA B 272 -0.14 43.96 -7.70
CA ALA B 272 1.13 43.27 -7.59
C ALA B 272 1.00 41.78 -7.97
N HIS B 273 0.06 41.09 -7.28
CA HIS B 273 -0.36 39.69 -7.39
C HIS B 273 -1.74 39.67 -6.74
N GLY B 274 -2.79 39.63 -7.54
CA GLY B 274 -4.18 39.64 -7.07
C GLY B 274 -4.65 38.44 -6.26
N GLU B 275 -5.99 38.32 -6.13
CA GLU B 275 -6.65 37.28 -5.38
C GLU B 275 -7.60 36.49 -6.31
N VAL B 276 -7.55 36.77 -7.63
CA VAL B 276 -8.42 36.15 -8.67
C VAL B 276 -7.61 35.43 -9.74
N LEU B 277 -7.94 34.16 -10.01
CA LEU B 277 -7.30 33.31 -11.02
C LEU B 277 -8.06 33.36 -12.37
N PHE B 278 -7.41 33.92 -13.41
CA PHE B 278 -8.01 34.03 -14.74
C PHE B 278 -7.58 32.87 -15.60
N ALA B 279 -8.52 31.96 -15.92
CA ALA B 279 -8.18 30.75 -16.64
C ALA B 279 -8.87 30.56 -18.00
N ALA B 280 -8.04 30.50 -19.07
CA ALA B 280 -8.56 30.26 -20.41
C ALA B 280 -8.78 28.76 -20.57
N PHE B 281 -10.02 28.42 -21.02
CA PHE B 281 -10.50 27.09 -21.31
C PHE B 281 -10.95 27.00 -22.74
N SER B 282 -10.74 25.85 -23.38
CA SER B 282 -11.19 25.57 -24.73
C SER B 282 -12.01 24.29 -24.71
N SER B 283 -13.03 24.21 -25.58
CA SER B 283 -13.90 23.04 -25.69
C SER B 283 -13.12 21.91 -26.35
N ALA B 284 -13.42 20.67 -25.94
CA ALA B 284 -12.73 19.46 -26.41
C ALA B 284 -13.11 18.88 -27.78
N ALA B 285 -12.08 18.36 -28.49
CA ALA B 285 -12.15 17.64 -29.77
C ALA B 285 -12.29 16.12 -29.46
N PRO B 286 -12.87 15.27 -30.35
CA PRO B 286 -13.00 13.83 -30.03
C PRO B 286 -11.70 13.05 -29.79
N PRO B 292 -2.76 14.30 -26.35
CA PRO B 292 -4.00 13.51 -26.31
C PRO B 292 -5.27 14.34 -26.02
N PRO B 293 -5.47 15.10 -24.90
CA PRO B 293 -6.69 15.90 -24.79
C PRO B 293 -6.51 17.20 -25.58
N SER B 294 -6.81 17.10 -26.89
CA SER B 294 -6.73 18.19 -27.84
C SER B 294 -8.00 19.02 -27.78
N ALA B 295 -7.84 20.34 -27.90
CA ALA B 295 -8.96 21.26 -27.97
C ALA B 295 -9.44 21.24 -29.44
N ALA B 296 -10.78 21.29 -29.66
CA ALA B 296 -11.33 21.31 -31.03
C ALA B 296 -10.77 22.53 -31.77
N ALA B 297 -10.07 22.27 -32.90
CA ALA B 297 -9.39 23.29 -33.71
C ALA B 297 -10.27 24.03 -34.72
N GLY B 298 -9.85 25.26 -35.07
CA GLY B 298 -10.52 26.14 -36.02
C GLY B 298 -11.86 26.65 -35.52
N ALA B 299 -12.79 26.92 -36.48
CA ALA B 299 -14.13 27.44 -36.18
C ALA B 299 -15.11 26.46 -35.50
N SER B 300 -14.75 25.15 -35.52
CA SER B 300 -15.51 24.06 -34.88
C SER B 300 -15.35 24.05 -33.34
N GLY B 301 -14.28 24.66 -32.84
CA GLY B 301 -13.97 24.79 -31.43
C GLY B 301 -13.96 26.23 -30.96
N ALA B 302 -14.27 26.45 -29.66
CA ALA B 302 -14.39 27.75 -29.01
C ALA B 302 -13.56 27.85 -27.73
N SER B 303 -13.26 29.09 -27.28
CA SER B 303 -12.60 29.32 -25.99
C SER B 303 -13.34 30.28 -25.07
N ALA B 304 -13.09 30.15 -23.77
CA ALA B 304 -13.70 30.98 -22.75
C ALA B 304 -12.71 31.34 -21.64
N LEU B 305 -12.90 32.53 -21.01
CA LEU B 305 -12.06 32.99 -19.91
C LEU B 305 -12.94 33.07 -18.70
N CYS B 306 -12.53 32.33 -17.67
CA CYS B 306 -13.22 32.22 -16.40
C CYS B 306 -12.35 32.77 -15.27
N ALA B 307 -13.01 33.38 -14.27
CA ALA B 307 -12.37 33.95 -13.10
C ALA B 307 -12.82 33.22 -11.87
N PHE B 308 -11.85 32.68 -11.12
CA PHE B 308 -12.11 31.91 -9.91
C PHE B 308 -11.38 32.64 -8.79
N PRO B 309 -12.08 33.47 -7.99
CA PRO B 309 -11.40 34.13 -6.87
C PRO B 309 -10.75 33.09 -5.94
N LEU B 310 -9.45 33.26 -5.64
CA LEU B 310 -8.71 32.29 -4.83
C LEU B 310 -9.32 32.02 -3.43
N ASP B 311 -10.17 32.94 -2.93
CA ASP B 311 -10.84 32.78 -1.63
C ASP B 311 -11.94 31.75 -1.78
N GLU B 312 -12.61 31.78 -2.96
CA GLU B 312 -13.61 30.80 -3.34
C GLU B 312 -12.90 29.44 -3.45
N VAL B 313 -11.67 29.41 -4.05
CA VAL B 313 -10.85 28.19 -4.18
C VAL B 313 -10.64 27.61 -2.77
N ASP B 314 -10.06 28.43 -1.84
CA ASP B 314 -9.75 28.07 -0.47
C ASP B 314 -10.98 27.69 0.36
N ARG B 315 -12.12 28.43 0.19
CA ARG B 315 -13.40 28.16 0.87
C ARG B 315 -13.80 26.73 0.62
N LEU B 316 -13.80 26.31 -0.66
CA LEU B 316 -14.19 24.98 -1.10
C LEU B 316 -13.22 23.91 -0.67
N ALA B 317 -11.89 24.17 -0.81
CA ALA B 317 -10.86 23.20 -0.37
C ALA B 317 -10.99 22.97 1.14
N ASN B 318 -11.20 24.07 1.91
CA ASN B 318 -11.38 24.06 3.37
C ASN B 318 -12.62 23.26 3.74
N ARG B 319 -13.74 23.49 3.03
CA ARG B 319 -14.93 22.70 3.30
C ARG B 319 -14.82 21.26 2.83
N THR B 320 -13.92 20.97 1.84
CA THR B 320 -13.64 19.59 1.39
C THR B 320 -12.84 18.88 2.50
N ARG B 321 -11.83 19.58 3.06
CA ARG B 321 -11.02 19.10 4.17
C ARG B 321 -11.96 18.84 5.37
N ASP B 322 -12.66 19.89 5.86
CA ASP B 322 -13.59 19.83 6.99
C ASP B 322 -14.55 18.63 6.91
N ALA B 323 -15.22 18.41 5.75
CA ALA B 323 -16.16 17.30 5.52
C ALA B 323 -15.44 15.95 5.67
N CYS B 324 -14.35 15.78 4.91
CA CYS B 324 -13.52 14.59 4.90
C CYS B 324 -12.91 14.22 6.26
N TYR B 325 -12.58 15.23 7.09
CA TYR B 325 -11.97 15.04 8.41
C TYR B 325 -12.97 14.70 9.48
N THR B 326 -13.99 15.53 9.61
CA THR B 326 -14.94 15.42 10.70
C THR B 326 -16.26 14.72 10.40
N ARG B 327 -16.84 14.93 9.20
CA ARG B 327 -18.14 14.33 8.89
C ARG B 327 -18.21 13.36 7.67
N GLU B 328 -17.20 12.46 7.56
CA GLU B 328 -17.04 11.39 6.55
C GLU B 328 -17.17 11.81 5.06
N GLY B 329 -16.74 13.03 4.73
CA GLY B 329 -16.86 13.61 3.41
C GLY B 329 -18.29 13.89 3.00
N ARG B 330 -19.25 13.63 3.91
CA ARG B 330 -20.68 13.81 3.65
C ARG B 330 -21.06 15.25 3.72
N ALA B 331 -20.72 15.93 4.83
CA ALA B 331 -21.09 17.32 5.06
C ALA B 331 -22.60 17.58 5.08
N GLU B 332 -23.18 17.84 6.29
CA GLU B 332 -24.58 18.19 6.51
C GLU B 332 -24.99 19.40 5.61
N ASP B 333 -26.25 19.47 5.12
CA ASP B 333 -27.32 18.50 5.36
C ASP B 333 -27.11 17.23 4.54
N GLY B 334 -27.01 17.42 3.23
CA GLY B 334 -26.82 16.35 2.26
C GLY B 334 -25.87 16.75 1.16
N THR B 335 -24.78 15.97 0.87
CA THR B 335 -24.12 14.74 1.41
C THR B 335 -23.39 14.10 0.25
N GLU B 336 -22.15 13.63 0.51
CA GLU B 336 -21.22 13.04 -0.45
C GLU B 336 -20.62 14.22 -1.29
N VAL B 337 -19.70 14.95 -0.60
CA VAL B 337 -19.00 16.15 -1.06
C VAL B 337 -17.46 15.90 -1.18
N ALA B 338 -16.90 15.00 -0.34
CA ALA B 338 -15.48 14.69 -0.35
C ALA B 338 -15.21 13.18 -0.27
N TYR B 339 -14.05 12.75 -0.79
CA TYR B 339 -13.60 11.36 -0.84
C TYR B 339 -12.08 11.35 -0.94
N ILE B 340 -11.50 10.12 -0.99
CA ILE B 340 -10.04 9.91 -1.15
C ILE B 340 -9.78 9.63 -2.62
N GLU B 341 -8.89 10.39 -3.22
CA GLU B 341 -8.65 10.26 -4.65
C GLU B 341 -7.51 9.25 -4.94
N TYR B 342 -7.25 8.95 -6.23
CA TYR B 342 -6.15 8.10 -6.73
C TYR B 342 -6.10 6.71 -6.16
N ASP B 343 -7.27 6.18 -5.78
CA ASP B 343 -7.45 4.84 -5.24
C ASP B 343 -6.62 4.54 -3.97
N VAL B 344 -6.27 5.57 -3.20
CA VAL B 344 -5.48 5.29 -2.00
C VAL B 344 -6.29 4.70 -0.89
N ASN B 345 -5.73 3.65 -0.26
CA ASN B 345 -6.37 2.92 0.82
C ASN B 345 -6.51 3.80 2.06
N SER B 346 -7.38 4.80 1.96
CA SER B 346 -7.72 5.76 2.99
C SER B 346 -9.19 6.02 2.82
N ASP B 347 -9.81 6.62 3.81
CA ASP B 347 -11.22 6.95 3.77
C ASP B 347 -11.39 8.23 4.52
N CYS B 348 -12.53 8.92 4.27
CA CYS B 348 -12.86 10.13 5.03
C CYS B 348 -13.25 9.71 6.47
N ALA B 349 -13.28 10.66 7.45
CA ALA B 349 -13.48 10.28 8.85
C ALA B 349 -14.44 11.06 9.70
N GLN B 350 -14.63 10.57 10.94
CA GLN B 350 -15.49 11.17 11.95
C GLN B 350 -14.62 11.70 13.11
N LEU B 351 -13.42 12.26 12.78
CA LEU B 351 -12.44 12.81 13.74
C LEU B 351 -12.98 13.95 14.63
N PRO B 352 -12.40 14.18 15.84
CA PRO B 352 -12.86 15.32 16.67
C PRO B 352 -12.84 16.67 15.94
N VAL B 353 -13.71 17.62 16.33
CA VAL B 353 -13.83 18.96 15.69
C VAL B 353 -12.52 19.75 15.77
N ASP B 354 -11.85 19.58 16.91
CA ASP B 354 -10.60 20.19 17.28
C ASP B 354 -9.50 19.88 16.25
N THR B 355 -9.69 18.80 15.46
CA THR B 355 -8.71 18.40 14.43
C THR B 355 -8.51 19.52 13.40
N LEU B 356 -9.57 20.25 13.08
CA LEU B 356 -9.52 21.30 12.07
C LEU B 356 -8.55 22.39 12.47
N ASP B 357 -8.61 22.83 13.72
CA ASP B 357 -7.74 23.88 14.22
C ASP B 357 -6.37 23.32 14.55
N ALA B 358 -6.31 22.16 15.23
CA ALA B 358 -5.05 21.51 15.59
C ALA B 358 -4.20 21.17 14.37
N TYR B 359 -4.82 20.59 13.33
CA TYR B 359 -4.12 20.12 12.15
C TYR B 359 -4.67 20.75 10.85
N PRO B 360 -4.34 22.05 10.59
CA PRO B 360 -4.81 22.71 9.37
C PRO B 360 -4.24 22.08 8.10
N CYS B 361 -2.93 21.73 8.14
CA CYS B 361 -2.25 21.08 7.04
C CYS B 361 -2.20 19.56 7.16
N GLY B 362 -3.07 19.03 8.03
CA GLY B 362 -3.19 17.60 8.25
C GLY B 362 -2.09 17.01 9.08
N SER B 363 -2.11 15.67 9.22
CA SER B 363 -1.15 14.88 10.01
C SER B 363 -1.11 13.41 9.51
N ASP B 364 -0.36 12.54 10.22
CA ASP B 364 -0.23 11.12 9.87
C ASP B 364 -1.59 10.38 10.05
N HIS B 365 -2.50 10.97 10.87
CA HIS B 365 -3.80 10.41 11.19
C HIS B 365 -4.98 10.93 10.34
N THR B 366 -4.76 11.99 9.56
CA THR B 366 -5.85 12.58 8.76
C THR B 366 -5.95 11.97 7.38
N PRO B 367 -7.18 11.88 6.80
CA PRO B 367 -7.33 11.26 5.46
C PRO B 367 -6.60 11.99 4.34
N SER B 368 -5.90 11.24 3.47
CA SER B 368 -5.13 11.81 2.34
C SER B 368 -4.96 10.82 1.16
N PRO B 369 -5.04 11.27 -0.15
CA PRO B 369 -5.31 12.63 -0.66
C PRO B 369 -6.79 12.92 -0.85
N MET B 370 -7.25 14.10 -0.41
CA MET B 370 -8.66 14.49 -0.48
C MET B 370 -8.98 15.15 -1.81
N ALA B 371 -10.25 15.04 -2.24
CA ALA B 371 -10.77 15.63 -3.49
C ALA B 371 -12.26 15.91 -3.36
N SER B 372 -12.73 16.98 -4.04
CA SER B 372 -14.13 17.34 -4.02
C SER B 372 -15.00 16.67 -5.10
N ARG B 373 -16.24 16.35 -4.70
CA ARG B 373 -17.28 15.81 -5.56
C ARG B 373 -17.93 17.01 -6.25
N VAL B 374 -18.13 18.06 -5.43
CA VAL B 374 -18.65 19.37 -5.76
C VAL B 374 -17.58 20.08 -6.55
N PRO B 375 -17.86 20.57 -7.77
CA PRO B 375 -16.79 21.27 -8.52
C PRO B 375 -16.80 22.76 -8.24
N LEU B 376 -15.70 23.45 -8.56
CA LEU B 376 -15.67 24.90 -8.42
C LEU B 376 -16.16 25.51 -9.76
N GLU B 377 -17.36 26.08 -9.74
CA GLU B 377 -18.06 26.58 -10.92
C GLU B 377 -17.88 28.08 -11.22
N ALA B 378 -17.57 28.43 -12.49
CA ALA B 378 -17.45 29.82 -12.96
C ALA B 378 -18.14 30.03 -14.32
N THR B 379 -18.80 31.18 -14.51
CA THR B 379 -19.44 31.47 -15.81
C THR B 379 -18.48 32.39 -16.58
N PRO B 380 -18.27 32.17 -17.90
CA PRO B 380 -17.27 32.97 -18.62
C PRO B 380 -17.53 34.46 -18.65
N ILE B 381 -16.46 35.23 -18.88
CA ILE B 381 -16.47 36.69 -18.99
C ILE B 381 -16.18 37.09 -20.43
N LEU B 382 -15.64 36.11 -21.18
CA LEU B 382 -15.19 36.07 -22.57
C LEU B 382 -15.59 34.68 -23.12
N GLU B 383 -16.16 34.65 -24.32
CA GLU B 383 -16.59 33.43 -24.99
C GLU B 383 -16.36 33.66 -26.47
N TRP B 384 -15.23 33.14 -26.98
CA TRP B 384 -14.78 33.30 -28.36
C TRP B 384 -14.98 32.03 -29.17
N PRO B 385 -15.97 32.04 -30.08
CA PRO B 385 -16.30 30.82 -30.83
C PRO B 385 -15.32 30.23 -31.82
N GLY B 386 -14.41 31.01 -32.40
CA GLY B 386 -13.53 30.35 -33.35
C GLY B 386 -12.07 30.34 -33.00
N ILE B 387 -11.75 30.72 -31.74
CA ILE B 387 -10.39 30.92 -31.25
C ILE B 387 -9.95 29.91 -30.18
N GLN B 388 -8.67 29.47 -30.27
CA GLN B 388 -8.10 28.47 -29.36
C GLN B 388 -7.03 29.12 -28.47
N LEU B 389 -7.46 29.62 -27.27
CA LEU B 389 -6.58 30.32 -26.33
C LEU B 389 -5.45 29.47 -25.80
N THR B 390 -4.20 30.00 -25.82
CA THR B 390 -3.01 29.27 -25.41
C THR B 390 -2.22 29.95 -24.28
N ALA B 391 -2.45 31.28 -24.10
CA ALA B 391 -1.76 32.10 -23.09
C ALA B 391 -2.63 33.20 -22.49
N VAL B 392 -2.42 33.44 -21.16
CA VAL B 392 -3.12 34.45 -20.35
C VAL B 392 -2.12 35.26 -19.59
N ALA B 393 -2.30 36.59 -19.61
CA ALA B 393 -1.63 37.61 -18.82
C ALA B 393 -2.70 38.67 -18.56
N VAL B 394 -2.87 39.05 -17.29
CA VAL B 394 -3.84 40.04 -16.83
C VAL B 394 -3.09 41.06 -15.99
N THR B 395 -3.44 42.33 -16.15
CA THR B 395 -2.90 43.48 -15.42
C THR B 395 -4.08 44.38 -15.00
N MET B 396 -3.77 45.45 -14.26
CA MET B 396 -4.78 46.37 -13.80
C MET B 396 -4.35 47.81 -13.93
N GLU B 397 -4.96 48.52 -14.87
CA GLU B 397 -4.62 49.93 -15.10
C GLU B 397 -5.76 50.76 -14.56
N ASP B 398 -5.44 51.72 -13.67
CA ASP B 398 -6.40 52.63 -13.02
C ASP B 398 -7.62 51.88 -12.46
N GLY B 399 -7.34 50.73 -11.85
CA GLY B 399 -8.40 49.91 -11.26
C GLY B 399 -9.14 49.04 -12.24
N HIS B 400 -9.03 49.34 -13.55
CA HIS B 400 -9.65 48.55 -14.62
C HIS B 400 -8.79 47.36 -14.95
N THR B 401 -9.42 46.19 -15.03
CA THR B 401 -8.84 44.88 -15.34
C THR B 401 -8.66 44.80 -16.85
N ILE B 402 -7.45 44.48 -17.31
CA ILE B 402 -7.12 44.32 -18.73
C ILE B 402 -6.42 42.96 -18.93
N ALA B 403 -6.85 42.20 -19.95
CA ALA B 403 -6.29 40.88 -20.25
C ALA B 403 -5.61 40.84 -21.61
N PHE B 404 -4.39 40.26 -21.63
CA PHE B 404 -3.60 40.06 -22.84
C PHE B 404 -3.63 38.58 -23.09
N LEU B 405 -4.34 38.17 -24.12
CA LEU B 405 -4.53 36.76 -24.42
C LEU B 405 -3.88 36.33 -25.68
N GLY B 406 -3.29 35.16 -25.62
CA GLY B 406 -2.58 34.57 -26.75
C GLY B 406 -3.31 33.36 -27.28
N ASP B 407 -3.18 33.11 -28.61
CA ASP B 407 -3.84 31.99 -29.27
C ASP B 407 -2.89 31.10 -30.08
N SER B 408 -3.44 29.98 -30.58
CA SER B 408 -2.81 28.96 -31.40
C SER B 408 -2.28 29.49 -32.75
N GLN B 409 -2.79 30.64 -33.22
CA GLN B 409 -2.35 31.22 -34.49
C GLN B 409 -1.34 32.36 -34.32
N GLY B 410 -0.82 32.48 -33.10
CA GLY B 410 0.19 33.47 -32.80
C GLY B 410 -0.34 34.87 -32.79
N GLN B 411 -1.57 35.02 -32.26
CA GLN B 411 -2.23 36.32 -32.11
C GLN B 411 -2.17 36.77 -30.68
N LEU B 412 -2.28 38.09 -30.48
CA LEU B 412 -2.37 38.71 -29.17
C LEU B 412 -3.52 39.67 -29.22
N HIS B 413 -4.51 39.37 -28.40
CA HIS B 413 -5.72 40.15 -28.30
C HIS B 413 -5.68 40.85 -26.97
N ARG B 414 -6.24 42.05 -26.94
CA ARG B 414 -6.24 42.85 -25.72
C ARG B 414 -7.71 43.10 -25.39
N VAL B 415 -8.11 42.75 -24.16
CA VAL B 415 -9.50 42.80 -23.72
C VAL B 415 -9.70 43.62 -22.45
N TYR B 416 -10.58 44.66 -22.54
CA TYR B 416 -11.02 45.39 -21.35
C TYR B 416 -12.10 44.48 -20.73
N LEU B 417 -11.88 44.18 -19.43
CA LEU B 417 -12.68 43.31 -18.60
C LEU B 417 -13.29 44.04 -17.39
N GLY B 418 -13.74 45.27 -17.58
CA GLY B 418 -14.37 46.02 -16.50
C GLY B 418 -15.88 45.95 -16.49
N PRO B 419 -16.56 46.85 -15.74
CA PRO B 419 -18.03 46.82 -15.68
C PRO B 419 -18.71 47.00 -17.03
N GLY B 420 -19.61 46.05 -17.32
CA GLY B 420 -20.43 46.00 -18.53
C GLY B 420 -19.64 45.98 -19.83
N SER B 421 -18.89 44.90 -20.02
CA SER B 421 -18.10 44.71 -21.21
C SER B 421 -18.23 43.26 -21.58
N ASP B 422 -18.47 42.97 -22.86
CA ASP B 422 -18.48 41.59 -23.35
C ASP B 422 -17.00 41.16 -23.53
N GLY B 423 -16.76 39.87 -23.66
CA GLY B 423 -15.38 39.42 -23.84
C GLY B 423 -14.66 39.87 -25.09
N HIS B 424 -15.17 40.93 -25.77
CA HIS B 424 -14.63 41.39 -27.04
C HIS B 424 -13.32 42.14 -26.90
N PRO B 425 -12.36 41.85 -27.79
CA PRO B 425 -11.06 42.51 -27.69
C PRO B 425 -10.98 43.93 -28.27
N TYR B 426 -10.38 44.86 -27.52
CA TYR B 426 -10.17 46.24 -28.01
C TYR B 426 -9.11 46.33 -29.10
N SER B 427 -8.27 45.25 -29.25
CA SER B 427 -7.21 45.12 -30.25
C SER B 427 -6.83 43.65 -30.45
N THR B 428 -6.33 43.30 -31.66
CA THR B 428 -5.77 41.98 -32.01
C THR B 428 -4.54 42.20 -32.89
N GLN B 429 -3.41 41.53 -32.61
CA GLN B 429 -2.23 41.66 -33.46
C GLN B 429 -1.54 40.32 -33.70
N SER B 430 -0.77 40.20 -34.79
CA SER B 430 -0.05 38.97 -35.06
C SER B 430 1.36 39.05 -34.53
N ILE B 431 1.71 38.04 -33.71
CA ILE B 431 3.03 37.91 -33.16
C ILE B 431 3.86 37.08 -34.17
N GLN B 432 3.26 35.97 -34.66
CA GLN B 432 3.85 35.10 -35.65
C GLN B 432 2.73 34.20 -36.14
N GLN B 433 2.27 34.47 -37.37
CA GLN B 433 1.21 33.72 -38.05
C GLN B 433 1.40 32.21 -37.92
N GLY B 434 0.36 31.54 -37.47
CA GLY B 434 0.30 30.09 -37.34
C GLY B 434 1.13 29.44 -36.25
N SER B 435 1.76 30.24 -35.37
CA SER B 435 2.56 29.69 -34.27
C SER B 435 1.95 30.08 -32.93
N ALA B 436 1.55 29.08 -32.15
CA ALA B 436 0.96 29.26 -30.83
C ALA B 436 1.82 30.13 -29.90
N VAL B 437 1.16 31.08 -29.22
CA VAL B 437 1.75 31.97 -28.21
C VAL B 437 2.00 31.13 -26.92
N SER B 438 3.21 31.22 -26.35
CA SER B 438 3.56 30.51 -25.13
C SER B 438 2.76 31.03 -23.94
N ARG B 439 2.45 30.12 -22.99
CA ARG B 439 1.79 30.38 -21.70
C ARG B 439 2.59 31.41 -20.88
N ASP B 440 3.92 31.48 -21.17
CA ASP B 440 4.94 32.34 -20.54
C ASP B 440 4.80 33.85 -20.82
N LEU B 441 3.56 34.35 -20.83
CA LEU B 441 3.28 35.79 -21.01
C LEU B 441 3.64 36.49 -19.70
N THR B 442 4.68 37.33 -19.72
CA THR B 442 5.18 38.07 -18.56
C THR B 442 5.44 39.57 -18.84
N PHE B 443 4.95 40.44 -17.95
CA PHE B 443 5.16 41.89 -18.11
C PHE B 443 6.57 42.28 -17.66
N ASP B 444 6.97 43.54 -17.92
CA ASP B 444 8.24 44.05 -17.45
C ASP B 444 7.99 44.61 -16.05
N GLY B 445 9.02 45.15 -15.40
CA GLY B 445 8.93 45.64 -14.03
C GLY B 445 7.90 46.74 -13.76
N THR B 446 7.77 47.63 -14.72
CA THR B 446 6.94 48.82 -14.68
C THR B 446 5.56 48.59 -15.29
N PHE B 447 5.35 47.41 -15.91
CA PHE B 447 4.10 47.06 -16.61
C PHE B 447 3.86 48.03 -17.79
N GLU B 448 4.93 48.29 -18.54
CA GLU B 448 4.94 49.16 -19.72
C GLU B 448 5.02 48.28 -20.95
N HIS B 449 5.52 47.05 -20.77
CA HIS B 449 5.69 46.08 -21.85
C HIS B 449 5.32 44.70 -21.43
N LEU B 450 4.95 43.88 -22.41
CA LEU B 450 4.67 42.47 -22.20
C LEU B 450 5.53 41.66 -23.18
N TYR B 451 6.23 40.69 -22.62
CA TYR B 451 7.08 39.78 -23.36
C TYR B 451 6.14 38.69 -23.90
N VAL B 452 6.07 38.59 -25.23
CA VAL B 452 5.19 37.69 -25.98
C VAL B 452 6.05 36.80 -26.85
N MET B 453 6.01 35.50 -26.54
CA MET B 453 6.81 34.51 -27.21
C MET B 453 5.97 33.52 -28.02
N THR B 454 6.40 33.20 -29.25
CA THR B 454 5.83 32.11 -30.04
C THR B 454 6.99 31.09 -30.13
N GLN B 455 6.82 29.98 -30.89
CA GLN B 455 7.88 28.97 -30.99
C GLN B 455 9.16 29.50 -31.70
N SER B 456 9.08 30.59 -32.48
CA SER B 456 10.25 31.06 -33.19
C SER B 456 10.69 32.49 -32.95
N THR B 457 9.89 33.27 -32.21
CA THR B 457 10.18 34.68 -31.91
C THR B 457 9.70 35.13 -30.53
N LEU B 458 10.28 36.24 -30.04
CA LEU B 458 9.96 36.85 -28.77
C LEU B 458 9.88 38.35 -29.00
N LEU B 459 8.76 39.00 -28.58
CA LEU B 459 8.64 40.45 -28.80
C LEU B 459 8.46 41.22 -27.52
N LYS B 460 9.01 42.47 -27.46
CA LYS B 460 8.78 43.36 -26.31
C LYS B 460 7.70 44.29 -26.78
N VAL B 461 6.44 43.88 -26.48
CA VAL B 461 5.20 44.55 -26.87
C VAL B 461 4.75 45.58 -25.85
N PRO B 462 4.73 46.87 -26.21
CA PRO B 462 4.23 47.89 -25.26
C PRO B 462 2.77 47.66 -24.88
N VAL B 463 2.42 47.89 -23.61
CA VAL B 463 1.03 47.71 -23.14
C VAL B 463 0.04 48.75 -23.71
N ALA B 464 0.57 49.92 -24.19
CA ALA B 464 -0.20 51.00 -24.81
C ALA B 464 0.68 51.88 -25.71
N SER B 465 0.03 52.75 -26.52
CA SER B 465 0.71 53.68 -27.42
C SER B 465 0.00 55.02 -27.49
N CYS B 466 -0.61 55.48 -26.37
CA CYS B 466 -1.40 56.72 -26.22
C CYS B 466 -0.75 57.87 -26.94
N ALA B 467 0.55 57.93 -26.78
CA ALA B 467 1.54 58.83 -27.38
C ALA B 467 1.34 59.05 -28.90
N GLN B 468 0.91 58.00 -29.62
CA GLN B 468 0.73 58.03 -31.05
C GLN B 468 -0.33 59.01 -31.51
N HIS B 469 -1.31 59.31 -30.65
CA HIS B 469 -2.41 60.25 -30.94
C HIS B 469 -2.09 61.65 -30.41
N LEU B 470 -1.98 62.61 -31.34
CA LEU B 470 -1.49 63.95 -31.04
C LEU B 470 -2.50 65.00 -30.51
N ASP B 471 -3.76 64.91 -30.96
CA ASP B 471 -4.81 65.79 -30.48
C ASP B 471 -5.79 64.99 -29.61
N CYS B 472 -6.73 65.72 -29.03
CA CYS B 472 -7.75 65.18 -28.17
C CYS B 472 -8.78 64.35 -28.96
N ALA B 473 -9.10 64.81 -30.17
CA ALA B 473 -9.98 64.18 -31.14
C ALA B 473 -9.48 62.75 -31.38
N SER B 474 -8.20 62.62 -31.83
CA SER B 474 -7.49 61.38 -32.14
C SER B 474 -7.41 60.41 -30.95
N CYS B 475 -7.11 60.98 -29.75
CA CYS B 475 -6.98 60.27 -28.48
C CYS B 475 -8.27 59.59 -28.06
N LEU B 476 -9.41 60.28 -28.22
CA LEU B 476 -10.71 59.74 -27.80
C LEU B 476 -11.36 58.87 -28.84
N ALA B 477 -11.08 59.13 -30.11
CA ALA B 477 -11.65 58.38 -31.23
C ALA B 477 -11.10 56.98 -31.21
N HIS B 478 -9.80 56.83 -30.87
CA HIS B 478 -9.16 55.54 -30.80
C HIS B 478 -9.19 55.00 -29.37
N ARG B 479 -10.29 54.35 -29.04
CA ARG B 479 -10.60 53.77 -27.74
C ARG B 479 -9.63 52.65 -27.29
N ASP B 480 -8.87 52.91 -26.20
CA ASP B 480 -7.92 52.01 -25.53
C ASP B 480 -8.13 52.27 -24.03
N PRO B 481 -8.36 51.24 -23.18
CA PRO B 481 -8.64 51.53 -21.76
C PRO B 481 -7.50 52.22 -21.05
N TYR B 482 -6.27 52.06 -21.57
CA TYR B 482 -5.05 52.66 -21.07
C TYR B 482 -5.03 54.17 -21.23
N CYS B 483 -5.59 54.67 -22.38
CA CYS B 483 -5.57 56.04 -22.92
C CYS B 483 -6.69 57.02 -22.63
N GLY B 484 -6.27 58.25 -22.39
CA GLY B 484 -7.10 59.43 -22.16
C GLY B 484 -6.33 60.71 -22.42
N TRP B 485 -7.06 61.81 -22.65
CA TRP B 485 -6.47 63.12 -22.93
C TRP B 485 -6.13 63.92 -21.67
N CYS B 486 -4.83 64.15 -21.45
CA CYS B 486 -4.39 64.93 -20.30
C CYS B 486 -4.35 66.39 -20.73
N VAL B 487 -5.39 67.11 -20.33
CA VAL B 487 -5.70 68.50 -20.62
C VAL B 487 -4.53 69.45 -20.28
N LEU B 488 -4.14 69.50 -18.99
CA LEU B 488 -3.06 70.32 -18.46
C LEU B 488 -1.68 70.03 -19.08
N LEU B 489 -1.47 68.79 -19.56
CA LEU B 489 -0.25 68.36 -20.22
C LEU B 489 -0.29 68.45 -21.76
N GLY B 490 -1.49 68.60 -22.35
CA GLY B 490 -1.75 68.67 -23.80
C GLY B 490 -1.16 67.46 -24.51
N ARG B 491 -1.47 66.26 -23.99
CA ARG B 491 -0.87 65.01 -24.38
C ARG B 491 -1.85 63.86 -24.20
N CYS B 492 -1.77 62.84 -25.08
CA CYS B 492 -2.59 61.64 -24.89
C CYS B 492 -1.82 60.64 -23.99
N SER B 493 -2.35 60.35 -22.78
CA SER B 493 -1.60 59.52 -21.82
C SER B 493 -2.39 58.52 -21.04
N ARG B 494 -1.69 57.89 -20.10
CA ARG B 494 -2.23 56.97 -19.12
C ARG B 494 -2.59 57.87 -17.93
N ARG B 495 -3.64 57.55 -17.12
CA ARG B 495 -4.00 58.43 -15.98
C ARG B 495 -2.80 58.81 -15.05
N SER B 496 -1.93 57.82 -14.74
CA SER B 496 -0.70 57.91 -13.92
C SER B 496 0.21 59.03 -14.40
N GLU B 497 0.28 59.25 -15.74
CA GLU B 497 1.10 60.29 -16.40
C GLU B 497 0.50 61.69 -16.32
N CYS B 498 -0.78 61.81 -15.95
CA CYS B 498 -1.53 63.07 -15.85
C CYS B 498 -1.34 63.76 -14.46
N SER B 499 -0.17 64.42 -14.26
CA SER B 499 0.21 65.15 -13.03
C SER B 499 1.41 66.07 -13.29
N PRO B 504 -2.84 64.59 -9.49
CA PRO B 504 -3.95 64.13 -10.34
C PRO B 504 -4.80 65.27 -10.92
N GLU B 505 -4.74 65.42 -12.27
CA GLU B 505 -5.39 66.46 -13.08
C GLU B 505 -6.62 65.94 -13.85
N GLN B 506 -7.23 66.81 -14.70
CA GLN B 506 -8.35 66.46 -15.55
C GLN B 506 -7.84 65.59 -16.69
N TRP B 507 -8.37 64.37 -16.77
CA TRP B 507 -7.95 63.36 -17.73
C TRP B 507 -9.17 62.82 -18.42
N LEU B 508 -9.33 63.17 -19.72
CA LEU B 508 -10.46 62.73 -20.56
C LEU B 508 -10.26 61.29 -21.09
N TRP B 509 -10.78 60.25 -20.36
CA TRP B 509 -10.66 58.83 -20.68
C TRP B 509 -11.38 58.47 -21.98
N SER B 510 -10.68 57.80 -22.94
CA SER B 510 -11.27 57.44 -24.25
C SER B 510 -12.50 56.54 -24.19
N PHE B 511 -12.61 55.71 -23.14
CA PHE B 511 -13.75 54.81 -22.96
C PHE B 511 -14.94 55.53 -22.33
N GLN B 512 -14.73 56.75 -21.83
CA GLN B 512 -15.75 57.59 -21.20
C GLN B 512 -15.49 59.03 -21.65
N PRO B 513 -15.67 59.37 -22.95
CA PRO B 513 -15.38 60.74 -23.39
C PRO B 513 -16.47 61.71 -22.91
N GLU B 514 -17.67 61.66 -23.56
CA GLU B 514 -18.85 62.50 -23.29
C GLU B 514 -18.40 63.96 -23.20
N LEU B 515 -17.86 64.50 -24.35
CA LEU B 515 -17.31 65.85 -24.56
C LEU B 515 -15.91 66.02 -23.85
N GLY B 516 -15.22 67.17 -23.91
CA GLY B 516 -15.62 68.46 -24.50
C GLY B 516 -14.63 68.99 -25.52
N CYS B 517 -13.98 68.08 -26.24
CA CYS B 517 -13.02 68.48 -27.25
C CYS B 517 -13.49 68.12 -28.68
#